data_6N32
#
_entry.id   6N32
#
_cell.length_a   76.821
_cell.length_b   94.182
_cell.length_c   171.112
_cell.angle_alpha   90.00
_cell.angle_beta   90.00
_cell.angle_gamma   90.00
#
_symmetry.space_group_name_H-M   'P 21 21 21'
#
loop_
_entity.id
_entity.type
_entity.pdbx_description
1 polymer 'Fab 2G12 light chain'
2 polymer 'Fab 2G12 heavy chain'
3 non-polymer 'SULFATE ION'
4 water water
#
loop_
_entity_poly.entity_id
_entity_poly.type
_entity_poly.pdbx_seq_one_letter_code
_entity_poly.pdbx_strand_id
1 'polypeptide(L)'
;DVVMTQSPSTLSASVGDTITITCRASQSIETWLAWYQQKPGKAPKLLIYKASTLKTGVPSRFSGSGSGTEFTLTISGLQF
DDFATYHCQHYAGYSATFGQGTRVEIKRTVAAPSVFIFPPSDEQLKSGTASVVCLLNNFYPREAKVQWKVDNALQSGNSQ
ESVTEQDSKDSTYSLSSTLTLSKADYEKHKVYACEVTHQGLSSPVTKSFNRGE
;
L,M
2 'polypeptide(L)'
;EVQLVESGGGLVKAGGSLILSCGVSNFRISAHTMNWVRRVPGGGLEWVASISTSSTYRDYADAVKGRFTVSRDDLEDFVY
LQMHKMRVEDTAIYYCARKGSDRLSDNDPFDAWGPGTVVTVSPASTKGPSVFPLAPSSKSTSGGTAALGCLVKDYFPEPV
TVSWNSGALTSGVHTFPAVLQSSGLYSLSSVVTVPSSSLGTQTYICNVNHKPSNTKVDKKVEPKS
;
H,K
#
# COMPACT_ATOMS: atom_id res chain seq x y z
N VAL A 2 14.33 29.68 -13.14
CA VAL A 2 15.75 29.71 -12.81
C VAL A 2 16.31 28.29 -12.84
N VAL A 3 17.38 28.10 -13.61
CA VAL A 3 18.07 26.83 -13.71
C VAL A 3 19.41 26.95 -13.00
N MET A 4 19.74 25.97 -12.16
CA MET A 4 21.00 25.91 -11.44
C MET A 4 21.83 24.76 -11.98
N THR A 5 23.10 25.02 -12.25
CA THR A 5 24.01 24.01 -12.79
C THR A 5 25.23 23.90 -11.89
N GLN A 6 25.48 22.69 -11.39
CA GLN A 6 26.65 22.43 -10.55
C GLN A 6 27.77 21.77 -11.36
N SER A 7 29.01 22.12 -10.99
CA SER A 7 30.20 21.56 -11.61
C SER A 7 31.20 21.21 -10.52
N PRO A 8 31.77 20.00 -10.53
CA PRO A 8 31.39 18.91 -11.44
C PRO A 8 30.24 18.07 -10.88
N SER A 9 29.80 17.06 -11.64
CA SER A 9 28.79 16.15 -11.12
C SER A 9 29.39 15.18 -10.10
N THR A 10 30.62 14.74 -10.33
CA THR A 10 31.33 13.86 -9.42
C THR A 10 32.74 14.40 -9.26
N LEU A 11 33.22 14.47 -8.02
CA LEU A 11 34.54 15.01 -7.71
C LEU A 11 35.30 13.96 -6.91
N SER A 12 36.42 13.50 -7.47
CA SER A 12 37.28 12.52 -6.81
C SER A 12 38.43 13.27 -6.16
N ALA A 13 38.63 13.04 -4.86
CA ALA A 13 39.64 13.77 -4.12
C ALA A 13 40.20 12.89 -3.02
N SER A 14 41.23 13.40 -2.36
CA SER A 14 41.90 12.69 -1.28
C SER A 14 41.75 13.48 0.02
N VAL A 15 41.91 12.77 1.14
CA VAL A 15 41.88 13.42 2.44
C VAL A 15 42.92 14.52 2.50
N GLY A 16 42.53 15.67 3.05
CA GLY A 16 43.41 16.81 3.17
C GLY A 16 43.34 17.80 2.03
N ASP A 17 42.72 17.44 0.91
CA ASP A 17 42.68 18.36 -0.22
C ASP A 17 41.82 19.58 0.09
N THR A 18 42.05 20.63 -0.68
CA THR A 18 41.15 21.77 -0.75
C THR A 18 40.38 21.65 -2.06
N ILE A 19 39.06 21.58 -1.97
CA ILE A 19 38.25 21.37 -3.16
C ILE A 19 37.23 22.49 -3.29
N THR A 20 36.82 22.74 -4.53
CA THR A 20 35.82 23.74 -4.86
C THR A 20 34.74 23.11 -5.73
N ILE A 21 33.50 23.49 -5.47
CA ILE A 21 32.34 23.11 -6.26
C ILE A 21 31.71 24.40 -6.76
N THR A 22 31.36 24.46 -8.03
CA THR A 22 30.83 25.67 -8.63
C THR A 22 29.35 25.51 -8.89
N CYS A 23 28.61 26.60 -8.74
CA CYS A 23 27.18 26.63 -9.01
C CYS A 23 26.88 27.88 -9.83
N ARG A 24 26.21 27.69 -10.96
CA ARG A 24 25.87 28.77 -11.88
C ARG A 24 24.36 28.87 -12.00
N ALA A 25 23.84 30.09 -11.90
CA ALA A 25 22.42 30.34 -12.07
C ALA A 25 22.18 30.91 -13.46
N SER A 26 21.09 30.47 -14.09
CA SER A 26 20.78 30.92 -15.45
C SER A 26 20.40 32.39 -15.50
N GLN A 27 20.12 32.99 -14.35
CA GLN A 27 19.88 34.42 -14.23
C GLN A 27 20.32 34.86 -12.84
N SER A 28 20.43 36.16 -12.65
CA SER A 28 20.94 36.68 -11.39
C SER A 28 20.01 36.32 -10.24
N ILE A 29 20.60 35.87 -9.13
CA ILE A 29 19.84 35.53 -7.93
C ILE A 29 20.42 36.33 -6.76
N GLU A 30 21.13 37.41 -7.09
CA GLU A 30 21.79 38.24 -6.09
C GLU A 30 22.71 37.39 -5.21
N THR A 31 22.36 37.25 -3.93
CA THR A 31 23.12 36.39 -3.02
C THR A 31 22.21 35.40 -2.29
N TRP A 32 21.03 35.08 -2.85
CA TRP A 32 20.10 34.14 -2.24
C TRP A 32 20.46 32.70 -2.63
N LEU A 33 21.54 32.20 -2.03
CA LEU A 33 22.03 30.86 -2.33
C LEU A 33 22.44 30.13 -1.06
N ALA A 34 22.09 28.84 -0.99
CA ALA A 34 22.43 27.99 0.14
C ALA A 34 23.12 26.73 -0.35
N TRP A 35 23.93 26.15 0.53
CA TRP A 35 24.61 24.88 0.28
C TRP A 35 24.19 23.86 1.33
N TYR A 36 23.99 22.62 0.88
CA TYR A 36 23.58 21.53 1.75
C TYR A 36 24.51 20.33 1.56
N GLN A 37 24.75 19.61 2.65
CA GLN A 37 25.41 18.32 2.63
C GLN A 37 24.39 17.21 2.84
N GLN A 38 24.53 16.11 2.10
CA GLN A 38 23.66 14.95 2.29
C GLN A 38 24.47 13.68 2.11
N LYS A 39 24.35 12.79 3.05
CA LYS A 39 24.89 11.45 3.05
C LYS A 39 23.80 10.43 2.74
N PRO A 40 24.15 9.29 2.15
CA PRO A 40 23.13 8.34 1.69
C PRO A 40 22.21 7.89 2.83
N GLY A 41 20.91 7.94 2.57
CA GLY A 41 19.92 7.52 3.53
C GLY A 41 19.65 8.51 4.66
N LYS A 42 20.29 9.68 4.64
CA LYS A 42 20.09 10.68 5.68
C LYS A 42 19.47 11.94 5.09
N ALA A 43 19.05 12.82 5.99
CA ALA A 43 18.46 14.10 5.60
C ALA A 43 19.54 15.13 5.28
N PRO A 44 19.25 16.05 4.35
CA PRO A 44 20.19 17.14 4.09
C PRO A 44 20.43 18.00 5.32
N LYS A 45 21.61 18.60 5.36
CA LYS A 45 22.03 19.51 6.42
C LYS A 45 22.48 20.82 5.79
N LEU A 46 21.94 21.93 6.26
CA LEU A 46 22.34 23.23 5.77
C LEU A 46 23.73 23.58 6.28
N LEU A 47 24.63 23.96 5.36
CA LEU A 47 25.98 24.39 5.74
C LEU A 47 26.13 25.90 5.68
N ILE A 48 25.70 26.51 4.58
CA ILE A 48 25.99 27.91 4.26
C ILE A 48 24.75 28.49 3.62
N TYR A 49 24.38 29.71 4.01
CA TYR A 49 23.26 30.41 3.41
C TYR A 49 23.66 31.85 3.14
N LYS A 50 22.84 32.50 2.30
CA LYS A 50 23.16 33.82 1.75
C LYS A 50 24.58 33.84 1.19
N ALA A 51 24.91 32.80 0.43
CA ALA A 51 26.15 32.63 -0.31
C ALA A 51 27.38 32.41 0.57
N SER A 52 27.48 33.13 1.69
CA SER A 52 28.72 33.07 2.46
C SER A 52 28.56 32.95 3.97
N THR A 53 27.35 32.98 4.52
CA THR A 53 27.16 32.94 5.96
C THR A 53 27.13 31.50 6.44
N LEU A 54 28.00 31.18 7.41
CA LEU A 54 28.15 29.83 7.91
C LEU A 54 27.12 29.56 9.00
N LYS A 55 26.37 28.47 8.86
CA LYS A 55 25.39 28.09 9.87
C LYS A 55 26.10 27.70 11.16
N THR A 56 25.48 28.04 12.28
CA THR A 56 26.09 27.79 13.59
C THR A 56 26.29 26.29 13.80
N GLY A 57 27.49 25.91 14.21
CA GLY A 57 27.85 24.51 14.38
C GLY A 57 28.58 23.89 13.22
N VAL A 58 28.62 24.55 12.06
CA VAL A 58 29.28 23.99 10.88
C VAL A 58 30.78 24.27 10.99
N PRO A 59 31.63 23.26 10.77
CA PRO A 59 33.08 23.47 10.89
C PRO A 59 33.58 24.56 9.96
N SER A 60 34.65 25.24 10.40
CA SER A 60 35.18 26.40 9.69
C SER A 60 35.86 26.06 8.37
N ARG A 61 36.13 24.79 8.09
CA ARG A 61 36.73 24.44 6.81
C ARG A 61 35.77 24.57 5.64
N PHE A 62 34.47 24.74 5.90
CA PHE A 62 33.49 25.02 4.87
C PHE A 62 33.38 26.53 4.69
N SER A 63 33.43 26.99 3.45
CA SER A 63 33.24 28.40 3.17
C SER A 63 32.59 28.56 1.80
N GLY A 64 31.93 29.69 1.60
CA GLY A 64 31.23 29.94 0.36
C GLY A 64 31.44 31.37 -0.10
N SER A 65 31.37 31.56 -1.41
CA SER A 65 31.53 32.88 -2.00
C SER A 65 30.74 32.96 -3.30
N GLY A 66 30.67 34.16 -3.84
CA GLY A 66 30.07 34.41 -5.13
C GLY A 66 28.86 35.31 -5.04
N SER A 67 28.33 35.66 -6.21
CA SER A 67 27.15 36.52 -6.30
C SER A 67 26.64 36.49 -7.74
N GLY A 68 25.51 37.16 -7.94
CA GLY A 68 24.93 37.28 -9.26
C GLY A 68 24.54 35.94 -9.84
N THR A 69 25.43 35.37 -10.66
CA THR A 69 25.19 34.09 -11.30
C THR A 69 26.30 33.07 -11.06
N GLU A 70 27.28 33.38 -10.21
CA GLU A 70 28.43 32.49 -10.07
C GLU A 70 28.77 32.35 -8.59
N PHE A 71 28.82 31.11 -8.12
CA PHE A 71 29.00 30.83 -6.70
C PHE A 71 29.94 29.64 -6.53
N THR A 72 30.62 29.59 -5.40
CA THR A 72 31.61 28.56 -5.12
C THR A 72 31.51 28.11 -3.66
N LEU A 73 31.45 26.80 -3.46
CA LEU A 73 31.64 26.17 -2.16
C LEU A 73 33.08 25.64 -2.10
N THR A 74 33.76 25.93 -1.00
CA THR A 74 35.15 25.49 -0.82
C THR A 74 35.25 24.73 0.50
N ILE A 75 35.86 23.55 0.43
CA ILE A 75 36.21 22.77 1.61
C ILE A 75 37.73 22.74 1.71
N SER A 76 38.26 23.31 2.78
CA SER A 76 39.70 23.47 3.00
C SER A 76 40.16 22.45 4.04
N GLY A 77 40.68 21.32 3.56
CA GLY A 77 41.11 20.27 4.46
C GLY A 77 40.09 19.15 4.57
N LEU A 78 39.83 18.50 3.44
CA LEU A 78 38.85 17.43 3.36
C LEU A 78 39.12 16.36 4.41
N GLN A 79 38.09 16.03 5.19
CA GLN A 79 38.13 14.93 6.14
C GLN A 79 37.20 13.83 5.64
N PHE A 80 37.38 12.63 6.18
CA PHE A 80 36.57 11.49 5.77
C PHE A 80 35.08 11.81 5.86
N ASP A 81 34.66 12.40 6.98
CA ASP A 81 33.25 12.75 7.19
C ASP A 81 32.71 13.65 6.10
N ASP A 82 33.58 14.33 5.35
CA ASP A 82 33.14 15.26 4.32
C ASP A 82 32.82 14.57 2.99
N PHE A 83 33.12 13.29 2.83
CA PHE A 83 32.77 12.62 1.58
C PHE A 83 31.28 12.33 1.56
N ALA A 84 30.58 12.96 0.61
CA ALA A 84 29.12 13.01 0.60
C ALA A 84 28.66 13.73 -0.66
N THR A 85 27.36 13.98 -0.78
CA THR A 85 26.80 14.79 -1.86
C THR A 85 26.54 16.21 -1.36
N TYR A 86 26.80 17.20 -2.21
CA TYR A 86 26.56 18.59 -1.91
C TYR A 86 25.60 19.20 -2.93
N HIS A 87 24.66 19.98 -2.43
CA HIS A 87 23.61 20.59 -3.25
C HIS A 87 23.66 22.10 -3.10
N CYS A 88 23.54 22.83 -4.21
CA CYS A 88 23.29 24.25 -4.14
C CYS A 88 21.81 24.51 -4.41
N GLN A 89 21.30 25.59 -3.81
CA GLN A 89 19.87 25.91 -3.90
C GLN A 89 19.67 27.41 -3.92
N HIS A 90 18.98 27.90 -4.93
CA HIS A 90 18.47 29.26 -4.93
C HIS A 90 17.10 29.28 -4.26
N TYR A 91 16.95 30.15 -3.26
CA TYR A 91 15.72 30.24 -2.48
C TYR A 91 15.16 31.64 -2.54
N ALA A 92 13.84 31.73 -2.81
CA ALA A 92 13.12 32.99 -2.80
C ALA A 92 11.94 32.84 -1.87
N GLY A 93 11.03 33.83 -1.86
CA GLY A 93 9.86 33.75 -1.00
C GLY A 93 8.86 32.70 -1.45
N TYR A 94 8.74 32.50 -2.76
CA TYR A 94 7.66 31.68 -3.31
C TYR A 94 8.13 30.48 -4.11
N SER A 95 9.38 30.44 -4.57
CA SER A 95 9.89 29.28 -5.29
C SER A 95 11.32 29.00 -4.87
N ALA A 96 11.80 27.80 -5.19
CA ALA A 96 13.15 27.38 -4.90
C ALA A 96 13.59 26.37 -5.93
N THR A 97 14.90 26.34 -6.22
CA THR A 97 15.40 25.32 -7.13
C THR A 97 16.81 24.91 -6.75
N PHE A 98 17.11 23.62 -6.95
CA PHE A 98 18.39 23.02 -6.58
C PHE A 98 19.21 22.72 -7.82
N GLY A 99 20.52 22.65 -7.63
CA GLY A 99 21.39 22.05 -8.62
C GLY A 99 21.18 20.54 -8.66
N GLN A 100 21.92 19.89 -9.55
CA GLN A 100 21.79 18.44 -9.68
C GLN A 100 22.59 17.67 -8.64
N GLY A 101 23.43 18.33 -7.85
CA GLY A 101 24.19 17.66 -6.83
C GLY A 101 25.58 17.25 -7.30
N THR A 102 26.53 17.31 -6.37
CA THR A 102 27.92 16.93 -6.62
C THR A 102 28.32 15.88 -5.59
N ARG A 103 28.70 14.69 -6.05
CA ARG A 103 29.12 13.63 -5.15
C ARG A 103 30.64 13.68 -5.00
N VAL A 104 31.12 13.81 -3.76
CA VAL A 104 32.55 13.84 -3.47
C VAL A 104 32.97 12.46 -2.98
N GLU A 105 33.91 11.85 -3.71
CA GLU A 105 34.33 10.49 -3.43
C GLU A 105 35.84 10.43 -3.24
N ILE A 106 36.31 9.30 -2.70
CA ILE A 106 37.72 9.09 -2.43
C ILE A 106 38.42 8.64 -3.70
N LYS A 107 39.50 9.33 -4.05
CA LYS A 107 40.21 9.06 -5.29
C LYS A 107 41.05 7.78 -5.20
N ARG A 108 41.01 6.99 -6.28
CA ARG A 108 41.90 5.84 -6.45
C ARG A 108 42.06 5.60 -7.94
N THR A 109 42.85 4.59 -8.29
CA THR A 109 43.05 4.24 -9.69
C THR A 109 41.81 3.56 -10.26
N VAL A 110 41.68 3.66 -11.58
CA VAL A 110 40.58 2.99 -12.28
C VAL A 110 40.69 1.49 -12.09
N ALA A 111 39.56 0.85 -11.82
CA ALA A 111 39.49 -0.60 -11.65
C ALA A 111 38.28 -1.13 -12.40
N ALA A 112 38.51 -2.02 -13.35
CA ALA A 112 37.41 -2.64 -14.08
C ALA A 112 36.68 -3.64 -13.17
N PRO A 113 35.38 -3.82 -13.37
CA PRO A 113 34.63 -4.78 -12.56
C PRO A 113 34.95 -6.22 -12.94
N SER A 114 34.90 -7.11 -11.95
CA SER A 114 34.81 -8.54 -12.23
C SER A 114 33.34 -8.92 -12.32
N VAL A 115 32.95 -9.56 -13.42
CA VAL A 115 31.54 -9.78 -13.74
C VAL A 115 31.23 -11.27 -13.59
N PHE A 116 30.10 -11.55 -12.94
CA PHE A 116 29.63 -12.91 -12.73
C PHE A 116 28.12 -12.94 -12.96
N ILE A 117 27.62 -14.07 -13.46
CA ILE A 117 26.19 -14.25 -13.64
C ILE A 117 25.76 -15.54 -12.93
N PHE A 118 24.58 -15.49 -12.31
CA PHE A 118 24.06 -16.58 -11.50
C PHE A 118 22.65 -16.90 -12.00
N PRO A 119 22.40 -18.13 -12.44
CA PRO A 119 21.04 -18.53 -12.81
C PRO A 119 20.19 -18.75 -11.56
N PRO A 120 18.86 -18.79 -11.69
CA PRO A 120 18.03 -19.06 -10.53
C PRO A 120 18.18 -20.49 -10.05
N SER A 121 18.02 -20.67 -8.74
CA SER A 121 18.06 -22.01 -8.17
C SER A 121 16.79 -22.79 -8.51
N ASP A 122 16.94 -24.12 -8.53
CA ASP A 122 15.80 -24.97 -8.87
C ASP A 122 14.69 -24.87 -7.82
N GLU A 123 15.06 -24.64 -6.56
CA GLU A 123 14.05 -24.47 -5.52
C GLU A 123 13.15 -23.26 -5.82
N GLN A 124 13.75 -22.10 -6.07
CA GLN A 124 12.96 -20.91 -6.39
C GLN A 124 12.17 -21.12 -7.68
N LEU A 125 12.81 -21.71 -8.70
CA LEU A 125 12.11 -21.97 -9.96
C LEU A 125 10.87 -22.82 -9.73
N LYS A 126 11.02 -23.90 -8.94
CA LYS A 126 9.89 -24.73 -8.57
C LYS A 126 8.82 -23.93 -7.83
N SER A 127 9.25 -23.00 -6.98
CA SER A 127 8.28 -22.14 -6.30
C SER A 127 7.59 -21.18 -7.26
N GLY A 128 8.14 -20.98 -8.46
CA GLY A 128 7.41 -20.24 -9.47
C GLY A 128 8.00 -18.93 -9.94
N THR A 129 9.21 -18.61 -9.47
CA THR A 129 9.85 -17.35 -9.80
C THR A 129 11.30 -17.65 -10.19
N ALA A 130 11.84 -16.81 -11.08
CA ALA A 130 13.24 -16.95 -11.51
C ALA A 130 13.92 -15.61 -11.30
N SER A 131 14.86 -15.57 -10.36
CA SER A 131 15.74 -14.42 -10.16
C SER A 131 17.10 -14.74 -10.74
N VAL A 132 17.52 -13.97 -11.75
CA VAL A 132 18.83 -14.10 -12.37
C VAL A 132 19.68 -12.92 -11.91
N VAL A 133 20.87 -13.21 -11.39
CA VAL A 133 21.66 -12.16 -10.73
C VAL A 133 22.96 -11.94 -11.52
N CYS A 134 23.30 -10.66 -11.72
CA CYS A 134 24.55 -10.27 -12.35
C CYS A 134 25.33 -9.41 -11.37
N LEU A 135 26.58 -9.78 -11.11
CA LEU A 135 27.43 -9.14 -10.11
C LEU A 135 28.62 -8.45 -10.79
N LEU A 136 28.85 -7.18 -10.41
CA LEU A 136 30.01 -6.39 -10.80
C LEU A 136 30.80 -6.10 -9.53
N ASN A 137 31.99 -6.65 -9.42
CA ASN A 137 32.76 -6.63 -8.18
C ASN A 137 33.96 -5.71 -8.30
N ASN A 138 34.18 -4.87 -7.27
CA ASN A 138 35.43 -4.15 -7.04
C ASN A 138 35.83 -3.33 -8.27
N PHE A 139 35.00 -2.33 -8.57
CA PHE A 139 35.28 -1.44 -9.68
C PHE A 139 35.31 0.02 -9.22
N TYR A 140 35.89 0.85 -10.08
CA TYR A 140 36.05 2.29 -9.85
C TYR A 140 36.36 2.94 -11.19
N PRO A 141 35.71 4.08 -11.52
CA PRO A 141 34.69 4.74 -10.69
C PRO A 141 33.34 4.05 -10.74
N ARG A 142 32.33 4.69 -10.13
CA ARG A 142 31.07 4.01 -9.87
C ARG A 142 30.18 3.88 -11.10
N GLU A 143 30.39 4.70 -12.13
CA GLU A 143 29.49 4.71 -13.27
C GLU A 143 29.68 3.43 -14.08
N ALA A 144 28.60 2.66 -14.20
CA ALA A 144 28.59 1.43 -14.98
C ALA A 144 27.22 1.25 -15.57
N LYS A 145 27.15 0.54 -16.70
CA LYS A 145 25.88 0.26 -17.35
C LYS A 145 25.71 -1.25 -17.49
N VAL A 146 24.57 -1.76 -17.02
CA VAL A 146 24.26 -3.17 -17.08
C VAL A 146 22.98 -3.34 -17.89
N GLN A 147 23.03 -4.19 -18.90
CA GLN A 147 21.86 -4.52 -19.71
C GLN A 147 21.62 -6.01 -19.70
N TRP A 148 20.34 -6.39 -19.75
CA TRP A 148 19.97 -7.79 -19.81
C TRP A 148 19.50 -8.14 -21.21
N LYS A 149 19.91 -9.30 -21.69
CA LYS A 149 19.48 -9.81 -22.98
C LYS A 149 18.98 -11.24 -22.81
N VAL A 150 17.77 -11.48 -23.30
CA VAL A 150 17.13 -12.79 -23.24
C VAL A 150 16.85 -13.22 -24.66
N ASP A 151 17.51 -14.31 -25.09
CA ASP A 151 17.54 -14.71 -26.50
C ASP A 151 17.90 -13.52 -27.39
N ASN A 152 18.87 -12.74 -26.94
CA ASN A 152 19.42 -11.55 -27.60
C ASN A 152 18.42 -10.40 -27.67
N ALA A 153 17.30 -10.49 -26.97
CA ALA A 153 16.34 -9.40 -26.91
C ALA A 153 16.60 -8.56 -25.66
N LEU A 154 16.75 -7.25 -25.86
CA LEU A 154 17.02 -6.34 -24.75
C LEU A 154 15.82 -6.23 -23.81
N GLN A 155 16.08 -6.36 -22.51
CA GLN A 155 15.04 -6.31 -21.49
C GLN A 155 14.94 -4.91 -20.91
N SER A 156 13.74 -4.55 -20.45
CA SER A 156 13.54 -3.30 -19.75
C SER A 156 12.35 -3.43 -18.80
N GLY A 157 12.49 -2.84 -17.62
CA GLY A 157 11.42 -2.77 -16.65
C GLY A 157 11.28 -3.96 -15.72
N ASN A 158 12.12 -4.98 -15.86
CA ASN A 158 12.02 -6.19 -15.05
C ASN A 158 13.29 -6.49 -14.25
N SER A 159 14.11 -5.47 -13.98
CA SER A 159 15.33 -5.65 -13.22
C SER A 159 15.50 -4.52 -12.21
N GLN A 160 16.26 -4.81 -11.16
CA GLN A 160 16.57 -3.83 -10.13
C GLN A 160 18.05 -3.90 -9.76
N GLU A 161 18.64 -2.74 -9.47
CA GLU A 161 20.06 -2.63 -9.18
C GLU A 161 20.28 -2.16 -7.76
N SER A 162 21.41 -2.57 -7.18
CA SER A 162 21.83 -2.13 -5.87
C SER A 162 23.34 -1.94 -5.85
N VAL A 163 23.81 -0.88 -5.19
CA VAL A 163 25.21 -0.48 -5.23
C VAL A 163 25.69 -0.24 -3.80
N THR A 164 26.90 -0.72 -3.50
CA THR A 164 27.48 -0.51 -2.19
C THR A 164 28.14 0.88 -2.12
N GLU A 165 28.50 1.27 -0.89
CA GLU A 165 29.34 2.45 -0.70
C GLU A 165 30.80 2.10 -0.94
N GLN A 166 31.64 3.13 -1.02
CA GLN A 166 33.06 2.93 -1.22
C GLN A 166 33.63 2.06 -0.10
N ASP A 167 34.33 1.01 -0.50
CA ASP A 167 34.91 0.09 0.47
C ASP A 167 35.96 0.81 1.30
N SER A 168 35.93 0.56 2.62
CA SER A 168 36.85 1.23 3.52
C SER A 168 38.30 0.81 3.27
N LYS A 169 38.52 -0.37 2.69
CA LYS A 169 39.86 -0.90 2.48
C LYS A 169 40.45 -0.48 1.14
N ASP A 170 39.72 -0.68 0.03
CA ASP A 170 40.26 -0.43 -1.30
C ASP A 170 39.51 0.64 -2.09
N SER A 171 38.48 1.27 -1.51
CA SER A 171 37.77 2.39 -2.11
C SER A 171 37.08 2.05 -3.43
N THR A 172 36.74 0.78 -3.66
CA THR A 172 36.00 0.39 -4.85
C THR A 172 34.50 0.27 -4.55
N TYR A 173 33.72 0.00 -5.60
CA TYR A 173 32.29 -0.27 -5.48
C TYR A 173 31.97 -1.67 -5.97
N SER A 174 30.79 -2.15 -5.58
CA SER A 174 30.23 -3.36 -6.14
C SER A 174 28.76 -3.12 -6.43
N LEU A 175 28.25 -3.79 -7.46
CA LEU A 175 26.88 -3.58 -7.93
C LEU A 175 26.25 -4.91 -8.26
N SER A 176 24.97 -5.06 -7.91
CA SER A 176 24.18 -6.22 -8.28
C SER A 176 22.99 -5.77 -9.13
N SER A 177 22.67 -6.56 -10.15
CA SER A 177 21.47 -6.36 -10.95
C SER A 177 20.70 -7.66 -10.97
N THR A 178 19.43 -7.62 -10.56
CA THR A 178 18.59 -8.79 -10.45
C THR A 178 17.44 -8.67 -11.44
N LEU A 179 17.34 -9.65 -12.35
CA LEU A 179 16.27 -9.75 -13.32
C LEU A 179 15.26 -10.79 -12.82
N THR A 180 14.02 -10.37 -12.62
CA THR A 180 12.99 -11.23 -12.05
C THR A 180 11.94 -11.56 -13.11
N LEU A 181 11.69 -12.85 -13.30
CA LEU A 181 10.70 -13.32 -14.24
C LEU A 181 9.82 -14.38 -13.58
N SER A 182 8.64 -14.57 -14.13
CA SER A 182 7.84 -15.72 -13.72
C SER A 182 8.45 -17.00 -14.30
N LYS A 183 8.11 -18.13 -13.67
CA LYS A 183 8.61 -19.42 -14.15
C LYS A 183 8.24 -19.65 -15.61
N ALA A 184 7.01 -19.29 -15.99
CA ALA A 184 6.55 -19.50 -17.36
C ALA A 184 7.35 -18.66 -18.35
N ASP A 185 7.52 -17.37 -18.04
CA ASP A 185 8.34 -16.52 -18.90
C ASP A 185 9.79 -16.99 -18.96
N TYR A 186 10.33 -17.43 -17.83
CA TYR A 186 11.70 -17.93 -17.80
C TYR A 186 11.87 -19.12 -18.74
N GLU A 187 10.95 -20.08 -18.69
CA GLU A 187 11.14 -21.34 -19.39
C GLU A 187 10.85 -21.28 -20.89
N LYS A 188 10.37 -20.15 -21.42
CA LYS A 188 10.18 -20.02 -22.87
C LYS A 188 11.39 -19.39 -23.57
N HIS A 189 12.55 -19.35 -22.92
CA HIS A 189 13.76 -18.79 -23.51
C HIS A 189 14.96 -19.62 -23.09
N LYS A 190 16.04 -19.52 -23.87
CA LYS A 190 17.23 -20.33 -23.64
C LYS A 190 18.42 -19.52 -23.11
N VAL A 191 18.83 -18.46 -23.81
CA VAL A 191 20.07 -17.76 -23.51
C VAL A 191 19.77 -16.56 -22.63
N TYR A 192 20.41 -16.49 -21.48
CA TYR A 192 20.30 -15.35 -20.57
C TYR A 192 21.67 -14.72 -20.38
N ALA A 193 21.76 -13.42 -20.63
CA ALA A 193 23.05 -12.75 -20.63
C ALA A 193 22.95 -11.37 -19.99
N CYS A 194 24.00 -10.97 -19.30
CA CYS A 194 24.16 -9.59 -18.84
C CYS A 194 25.40 -9.00 -19.49
N GLU A 195 25.24 -7.81 -20.04
CA GLU A 195 26.27 -7.07 -20.75
C GLU A 195 26.62 -5.82 -19.94
N VAL A 196 27.91 -5.61 -19.70
CA VAL A 196 28.39 -4.60 -18.76
C VAL A 196 29.30 -3.65 -19.53
N THR A 197 29.11 -2.36 -19.30
CA THR A 197 29.97 -1.32 -19.85
C THR A 197 30.54 -0.51 -18.69
N HIS A 198 31.85 -0.24 -18.76
CA HIS A 198 32.55 0.48 -17.72
C HIS A 198 33.83 1.05 -18.31
N GLN A 199 34.25 2.21 -17.78
CA GLN A 199 35.42 2.91 -18.31
C GLN A 199 36.68 2.06 -18.25
N GLY A 200 36.79 1.17 -17.28
CA GLY A 200 37.94 0.30 -17.16
C GLY A 200 37.98 -0.87 -18.10
N LEU A 201 36.95 -1.03 -18.93
CA LEU A 201 36.85 -2.12 -19.89
C LEU A 201 37.01 -1.55 -21.28
N SER A 202 37.88 -2.18 -22.08
CA SER A 202 38.10 -1.70 -23.44
C SER A 202 36.89 -1.95 -24.33
N SER A 203 36.09 -2.95 -24.02
CA SER A 203 34.88 -3.27 -24.75
C SER A 203 33.87 -3.87 -23.79
N PRO A 204 32.58 -3.79 -24.08
CA PRO A 204 31.58 -4.34 -23.16
C PRO A 204 31.80 -5.83 -22.93
N VAL A 205 31.56 -6.27 -21.70
CA VAL A 205 31.77 -7.65 -21.29
C VAL A 205 30.42 -8.33 -21.12
N THR A 206 30.25 -9.50 -21.72
CA THR A 206 29.01 -10.26 -21.62
C THR A 206 29.25 -11.55 -20.88
N LYS A 207 28.40 -11.83 -19.89
CA LYS A 207 28.37 -13.12 -19.22
C LYS A 207 27.00 -13.73 -19.43
N SER A 208 26.96 -15.00 -19.83
CA SER A 208 25.69 -15.62 -20.21
C SER A 208 25.67 -17.08 -19.80
N PHE A 209 24.47 -17.65 -19.85
CA PHE A 209 24.28 -19.09 -19.68
C PHE A 209 23.09 -19.53 -20.50
N ASN A 210 23.03 -20.84 -20.75
CA ASN A 210 21.88 -21.47 -21.39
C ASN A 210 21.02 -22.10 -20.31
N ARG A 211 19.71 -21.85 -20.38
CA ARG A 211 18.79 -22.39 -19.39
C ARG A 211 18.76 -23.92 -19.44
N GLY A 212 18.99 -24.55 -18.30
CA GLY A 212 18.99 -25.98 -18.18
C GLY A 212 20.32 -26.68 -18.29
N GLU A 213 21.43 -25.96 -18.37
CA GLU A 213 22.75 -26.57 -18.48
C GLU A 213 23.79 -25.82 -17.67
N GLU B 1 18.19 19.76 18.79
CA GLU B 1 17.20 18.85 19.35
C GLU B 1 15.86 19.06 18.64
N VAL B 2 15.84 20.02 17.72
CA VAL B 2 14.65 20.27 16.90
C VAL B 2 14.45 19.09 15.97
N GLN B 3 13.24 18.54 15.94
CA GLN B 3 12.98 17.33 15.18
C GLN B 3 11.72 17.45 14.34
N LEU B 4 11.76 16.81 13.16
CA LEU B 4 10.61 16.63 12.31
C LEU B 4 10.50 15.15 11.95
N VAL B 5 9.27 14.67 11.77
CA VAL B 5 9.02 13.26 11.45
C VAL B 5 7.90 13.18 10.43
N GLU B 6 8.19 12.55 9.28
CA GLU B 6 7.18 12.30 8.26
C GLU B 6 6.50 10.96 8.50
N SER B 7 5.26 10.85 8.00
CA SER B 7 4.53 9.60 8.04
C SER B 7 3.61 9.53 6.82
N GLY B 8 3.24 8.32 6.45
CA GLY B 8 2.27 8.10 5.36
C GLY B 8 2.88 7.55 4.08
N GLY B 9 4.18 7.26 4.07
CA GLY B 9 4.83 6.76 2.85
C GLY B 9 4.43 5.34 2.51
N GLY B 10 4.58 4.95 1.24
CA GLY B 10 4.22 3.58 0.84
C GLY B 10 4.23 3.39 -0.67
N LEU B 11 3.64 2.29 -1.13
CA LEU B 11 3.56 1.94 -2.57
C LEU B 11 2.21 2.37 -3.14
N VAL B 12 2.20 3.05 -4.27
CA VAL B 12 0.93 3.48 -4.93
C VAL B 12 1.03 3.16 -6.42
N LYS B 13 -0.12 2.95 -7.06
CA LYS B 13 -0.14 2.66 -8.52
C LYS B 13 -0.39 3.98 -9.27
N ALA B 14 0.24 4.13 -10.45
CA ALA B 14 0.12 5.35 -11.27
C ALA B 14 -1.35 5.78 -11.38
N GLY B 15 -1.65 7.02 -11.00
CA GLY B 15 -3.02 7.55 -11.04
C GLY B 15 -3.67 7.54 -9.68
N GLY B 16 -3.05 6.87 -8.70
CA GLY B 16 -3.61 6.80 -7.37
C GLY B 16 -3.30 8.03 -6.52
N SER B 17 -3.73 7.95 -5.26
CA SER B 17 -3.60 9.06 -4.33
C SER B 17 -2.89 8.59 -3.06
N LEU B 18 -2.18 9.52 -2.41
CA LEU B 18 -1.50 9.24 -1.16
C LEU B 18 -1.34 10.55 -0.39
N ILE B 19 -1.49 10.48 0.92
CA ILE B 19 -1.40 11.66 1.78
C ILE B 19 -0.30 11.43 2.81
N LEU B 20 0.61 12.40 2.92
CA LEU B 20 1.69 12.39 3.90
C LEU B 20 1.40 13.42 4.99
N SER B 21 1.93 13.16 6.19
CA SER B 21 1.85 14.10 7.29
C SER B 21 3.25 14.28 7.90
N CYS B 22 3.40 15.37 8.65
CA CYS B 22 4.64 15.71 9.32
C CYS B 22 4.32 16.26 10.69
N GLY B 23 4.91 15.64 11.72
CA GLY B 23 4.86 16.15 13.07
C GLY B 23 6.23 16.66 13.48
N VAL B 24 6.25 17.40 14.59
CA VAL B 24 7.47 18.08 15.02
C VAL B 24 7.70 17.82 16.51
N SER B 25 8.94 18.06 16.93
CA SER B 25 9.34 17.92 18.32
C SER B 25 10.27 19.07 18.69
N ASN B 26 9.97 19.71 19.82
CA ASN B 26 10.78 20.72 20.50
C ASN B 26 10.68 22.09 19.83
N PHE B 27 9.64 22.35 19.04
CA PHE B 27 9.32 23.70 18.61
C PHE B 27 7.89 23.72 18.11
N ARG B 28 7.35 24.94 17.98
CA ARG B 28 6.02 25.17 17.44
C ARG B 28 6.14 25.65 16.00
N ILE B 29 5.31 25.09 15.11
CA ILE B 29 5.40 25.41 13.69
C ILE B 29 4.79 26.76 13.32
N SER B 30 4.01 27.38 14.22
CA SER B 30 3.15 28.48 13.83
C SER B 30 3.93 29.67 13.26
N ALA B 31 5.14 29.90 13.76
CA ALA B 31 5.97 31.03 13.31
C ALA B 31 6.85 30.68 12.13
N HIS B 32 6.71 29.50 11.53
CA HIS B 32 7.61 29.06 10.48
C HIS B 32 6.83 28.72 9.21
N THR B 33 7.37 29.13 8.07
CA THR B 33 6.96 28.57 6.79
C THR B 33 7.37 27.10 6.73
N MET B 34 6.44 26.24 6.35
CA MET B 34 6.72 24.81 6.27
C MET B 34 6.74 24.35 4.82
N ASN B 35 7.56 23.34 4.53
CA ASN B 35 7.87 23.00 3.15
C ASN B 35 7.94 21.49 2.99
N TRP B 36 7.67 21.03 1.76
CA TRP B 36 7.93 19.67 1.33
C TRP B 36 8.93 19.69 0.18
N VAL B 37 9.93 18.81 0.26
CA VAL B 37 10.99 18.65 -0.74
C VAL B 37 11.16 17.17 -0.99
N ARG B 38 11.55 16.80 -2.21
CA ARG B 38 11.77 15.39 -2.51
C ARG B 38 13.14 15.16 -3.17
N ARG B 39 13.76 14.04 -2.81
CA ARG B 39 14.96 13.53 -3.47
C ARG B 39 14.55 12.41 -4.42
N VAL B 40 14.80 12.61 -5.70
CA VAL B 40 14.42 11.64 -6.73
C VAL B 40 15.51 10.59 -6.85
N PRO B 41 15.24 9.44 -7.46
CA PRO B 41 16.35 8.53 -7.80
C PRO B 41 17.29 9.22 -8.77
N GLY B 42 18.59 9.07 -8.51
CA GLY B 42 19.62 9.86 -9.14
C GLY B 42 20.24 10.89 -8.23
N GLY B 43 19.61 11.20 -7.09
CA GLY B 43 20.22 11.97 -6.03
C GLY B 43 19.85 13.44 -5.99
N GLY B 44 19.19 13.97 -7.03
CA GLY B 44 18.85 15.37 -7.03
C GLY B 44 17.67 15.68 -6.13
N LEU B 45 17.71 16.88 -5.54
CA LEU B 45 16.62 17.39 -4.72
C LEU B 45 15.66 18.24 -5.56
N GLU B 46 14.39 18.24 -5.15
CA GLU B 46 13.33 18.92 -5.88
C GLU B 46 12.35 19.52 -4.89
N TRP B 47 12.22 20.84 -4.90
CA TRP B 47 11.23 21.50 -4.05
C TRP B 47 9.83 21.16 -4.54
N VAL B 48 8.95 20.81 -3.61
CA VAL B 48 7.61 20.35 -3.92
C VAL B 48 6.56 21.40 -3.55
N ALA B 49 6.58 21.86 -2.30
CA ALA B 49 5.52 22.78 -1.90
C ALA B 49 5.95 23.58 -0.67
N SER B 50 5.30 24.70 -0.48
CA SER B 50 5.49 25.53 0.71
C SER B 50 4.16 26.12 1.15
N ILE B 51 4.02 26.31 2.46
CA ILE B 51 2.87 26.99 3.03
C ILE B 51 3.38 27.95 4.10
N SER B 52 3.03 29.22 3.94
CA SER B 52 3.51 30.28 4.82
C SER B 52 2.73 30.26 6.13
N THR B 53 3.12 31.15 7.05
CA THR B 53 2.39 31.29 8.29
C THR B 53 0.96 31.74 8.03
N SER B 54 0.06 31.35 8.94
CA SER B 54 -1.37 31.62 8.83
C SER B 54 -1.94 31.17 7.48
N SER B 55 -1.18 30.33 6.77
CA SER B 55 -1.56 29.84 5.45
C SER B 55 -1.89 30.98 4.51
N THR B 56 -1.18 32.12 4.64
CA THR B 56 -1.45 33.23 3.74
C THR B 56 -1.10 32.91 2.29
N TYR B 57 -0.16 31.99 2.06
CA TYR B 57 0.22 31.60 0.71
C TYR B 57 0.52 30.10 0.66
N ARG B 58 0.12 29.47 -0.45
CA ARG B 58 0.47 28.08 -0.71
C ARG B 58 1.08 28.02 -2.09
N ASP B 59 2.33 27.55 -2.17
CA ASP B 59 3.10 27.59 -3.40
C ASP B 59 3.53 26.17 -3.78
N TYR B 60 3.48 25.88 -5.08
CA TYR B 60 3.73 24.54 -5.58
C TYR B 60 4.70 24.61 -6.75
N ALA B 61 5.54 23.58 -6.86
CA ALA B 61 6.34 23.41 -8.06
C ALA B 61 5.42 23.15 -9.25
N ASP B 62 5.89 23.50 -10.45
CA ASP B 62 5.05 23.34 -11.63
C ASP B 62 4.64 21.89 -11.83
N ALA B 63 5.59 20.95 -11.65
CA ALA B 63 5.33 19.54 -11.94
C ALA B 63 4.24 18.95 -11.07
N VAL B 64 3.83 19.62 -10.00
CA VAL B 64 2.78 19.14 -9.12
C VAL B 64 1.59 20.08 -9.06
N LYS B 65 1.64 21.22 -9.74
CA LYS B 65 0.55 22.19 -9.68
C LYS B 65 -0.75 21.55 -10.15
N GLY B 66 -1.81 21.72 -9.34
CA GLY B 66 -3.10 21.13 -9.62
C GLY B 66 -3.30 19.72 -9.13
N ARG B 67 -2.22 19.01 -8.78
CA ARG B 67 -2.33 17.65 -8.27
C ARG B 67 -2.07 17.54 -6.78
N PHE B 68 -1.22 18.39 -6.22
CA PHE B 68 -0.84 18.32 -4.81
C PHE B 68 -1.51 19.45 -4.03
N THR B 69 -1.75 19.19 -2.74
CA THR B 69 -2.27 20.19 -1.82
C THR B 69 -1.49 20.14 -0.52
N VAL B 70 -1.12 21.30 0.02
CA VAL B 70 -0.45 21.38 1.30
C VAL B 70 -1.35 22.07 2.31
N SER B 71 -1.37 21.55 3.54
CA SER B 71 -2.16 22.12 4.62
C SER B 71 -1.33 22.17 5.90
N ARG B 72 -1.71 23.06 6.81
CA ARG B 72 -1.06 23.11 8.11
C ARG B 72 -2.09 23.19 9.23
N ASP B 73 -1.71 22.64 10.39
CA ASP B 73 -2.50 22.55 11.61
C ASP B 73 -1.60 23.10 12.72
N ASP B 74 -1.72 24.39 13.01
CA ASP B 74 -0.83 25.04 13.98
C ASP B 74 -1.15 24.68 15.43
N LEU B 75 -2.38 24.25 15.71
CA LEU B 75 -2.75 23.96 17.09
C LEU B 75 -2.15 22.65 17.58
N GLU B 76 -2.02 21.66 16.71
CA GLU B 76 -1.36 20.41 17.05
C GLU B 76 -0.05 20.21 16.30
N ASP B 77 0.39 21.20 15.54
CA ASP B 77 1.72 21.21 14.91
C ASP B 77 1.86 20.06 13.91
N PHE B 78 1.05 20.11 12.86
CA PHE B 78 1.12 19.13 11.79
C PHE B 78 1.12 19.82 10.43
N VAL B 79 1.81 19.22 9.48
CA VAL B 79 1.74 19.64 8.09
C VAL B 79 1.29 18.45 7.25
N TYR B 80 0.48 18.70 6.21
CA TYR B 80 -0.04 17.65 5.36
C TYR B 80 0.27 17.94 3.89
N LEU B 81 0.50 16.85 3.15
CA LEU B 81 0.66 16.90 1.70
C LEU B 81 -0.23 15.84 1.06
N GLN B 82 -1.25 16.29 0.33
CA GLN B 82 -2.08 15.42 -0.50
C GLN B 82 -1.46 15.31 -1.88
N MET B 83 -1.36 14.08 -2.39
CA MET B 83 -0.85 13.82 -3.73
C MET B 83 -1.89 13.01 -4.49
N HIS B 84 -2.39 13.58 -5.59
CA HIS B 84 -3.39 12.93 -6.41
C HIS B 84 -2.86 12.75 -7.83
N LYS B 85 -3.49 11.84 -8.57
CA LYS B 85 -3.13 11.55 -9.96
C LYS B 85 -1.62 11.35 -10.09
N MET B 86 -1.07 10.49 -9.25
CA MET B 86 0.36 10.39 -9.10
C MET B 86 1.01 9.72 -10.31
N ARG B 87 2.21 10.18 -10.65
CA ARG B 87 2.97 9.71 -11.79
C ARG B 87 4.24 9.01 -11.31
N VAL B 88 4.86 8.26 -12.24
CA VAL B 88 6.08 7.53 -11.90
C VAL B 88 7.17 8.47 -11.44
N GLU B 89 7.28 9.64 -12.07
CA GLU B 89 8.29 10.61 -11.70
C GLU B 89 8.01 11.27 -10.35
N ASP B 90 6.89 10.94 -9.70
CA ASP B 90 6.70 11.34 -8.31
C ASP B 90 7.43 10.42 -7.34
N THR B 91 7.97 9.29 -7.81
CA THR B 91 8.72 8.39 -6.95
C THR B 91 9.94 9.08 -6.36
N ALA B 92 10.05 9.08 -5.03
CA ALA B 92 11.12 9.82 -4.37
C ALA B 92 11.05 9.62 -2.86
N ILE B 93 12.08 10.14 -2.18
CA ILE B 93 12.04 10.30 -0.73
C ILE B 93 11.53 11.71 -0.43
N TYR B 94 10.49 11.80 0.39
CA TYR B 94 9.86 13.07 0.71
C TYR B 94 10.23 13.51 2.12
N TYR B 95 10.70 14.75 2.24
CA TYR B 95 11.05 15.35 3.53
C TYR B 95 10.19 16.59 3.75
N CYS B 96 9.83 16.82 5.01
CA CYS B 96 9.28 18.09 5.45
CA CYS B 96 9.29 18.12 5.39
C CYS B 96 10.40 18.93 6.06
N ALA B 97 10.39 20.23 5.78
CA ALA B 97 11.49 21.11 6.17
C ALA B 97 10.95 22.45 6.61
N ARG B 98 11.56 23.02 7.65
CA ARG B 98 11.13 24.34 8.14
C ARG B 98 12.00 25.45 7.60
N LYS B 99 11.36 26.53 7.15
CA LYS B 99 11.94 27.82 6.82
C LYS B 99 11.69 28.84 7.94
N GLY B 100 12.47 29.90 7.92
CA GLY B 100 12.24 31.01 8.82
C GLY B 100 10.86 31.65 8.60
N SER B 101 10.51 32.54 9.52
CA SER B 101 9.23 33.24 9.47
C SER B 101 9.12 34.14 8.25
N ASP B 102 8.06 33.96 7.46
CA ASP B 102 7.84 34.81 6.30
C ASP B 102 7.31 36.20 6.68
N ARG B 103 6.85 36.37 7.92
CA ARG B 103 6.59 37.72 8.42
C ARG B 103 7.86 38.49 8.74
N LEU B 104 9.02 37.84 8.69
CA LEU B 104 10.28 38.50 9.05
C LEU B 104 11.33 38.43 7.96
N SER B 105 11.09 37.71 6.87
CA SER B 105 12.07 37.59 5.80
C SER B 105 11.38 37.09 4.54
N ASP B 106 11.74 37.69 3.40
CA ASP B 106 11.22 37.23 2.13
C ASP B 106 12.07 36.13 1.49
N ASN B 107 13.21 35.79 2.09
CA ASN B 107 14.09 34.77 1.50
C ASN B 107 14.81 34.03 2.62
N ASP B 108 14.45 32.77 2.83
CA ASP B 108 15.11 31.94 3.84
C ASP B 108 15.48 30.59 3.27
N PRO B 109 16.52 29.94 3.79
CA PRO B 109 16.81 28.56 3.41
C PRO B 109 16.03 27.56 4.26
N PHE B 110 16.18 26.27 3.96
CA PHE B 110 15.56 25.19 4.73
C PHE B 110 16.54 24.82 5.83
N ASP B 111 16.29 25.24 7.07
CA ASP B 111 17.31 25.06 8.11
C ASP B 111 17.13 23.80 8.94
N ALA B 112 15.98 23.13 8.86
CA ALA B 112 15.78 21.88 9.57
C ALA B 112 14.93 20.93 8.74
N TRP B 113 15.33 19.66 8.70
CA TRP B 113 14.72 18.65 7.84
C TRP B 113 14.34 17.42 8.66
N GLY B 114 13.25 16.79 8.26
CA GLY B 114 12.92 15.46 8.73
C GLY B 114 13.72 14.40 7.98
N PRO B 115 13.68 13.16 8.49
CA PRO B 115 14.48 12.09 7.89
C PRO B 115 13.91 11.54 6.59
N GLY B 116 12.67 11.83 6.24
CA GLY B 116 12.16 11.42 4.95
C GLY B 116 11.32 10.16 5.02
N THR B 117 10.41 10.02 4.06
CA THR B 117 9.61 8.82 3.89
C THR B 117 9.56 8.48 2.40
N VAL B 118 9.63 7.19 2.08
CA VAL B 118 9.78 6.74 0.71
C VAL B 118 8.40 6.60 0.06
N VAL B 119 8.25 7.15 -1.14
CA VAL B 119 7.03 7.05 -1.92
C VAL B 119 7.39 6.47 -3.28
N THR B 120 6.75 5.37 -3.64
CA THR B 120 7.05 4.65 -4.88
C THR B 120 5.78 4.53 -5.70
N VAL B 121 5.83 5.03 -6.93
CA VAL B 121 4.69 5.00 -7.85
C VAL B 121 5.00 3.98 -8.94
N SER B 122 4.27 2.86 -8.92
CA SER B 122 4.49 1.82 -9.91
C SER B 122 3.94 2.24 -11.27
N PRO B 123 4.59 1.86 -12.37
CA PRO B 123 4.12 2.32 -13.68
C PRO B 123 2.82 1.67 -14.11
N ALA B 124 2.55 0.44 -13.67
CA ALA B 124 1.36 -0.28 -14.09
C ALA B 124 0.17 0.18 -13.28
N SER B 125 -0.75 0.91 -13.91
CA SER B 125 -2.00 1.29 -13.26
C SER B 125 -3.06 0.18 -13.36
N THR B 126 -2.88 -0.78 -14.25
CA THR B 126 -3.84 -1.86 -14.43
C THR B 126 -3.10 -3.18 -14.58
N LYS B 127 -3.82 -4.26 -14.30
CA LYS B 127 -3.29 -5.61 -14.44
C LYS B 127 -4.44 -6.55 -14.77
N GLY B 128 -4.27 -7.36 -15.81
CA GLY B 128 -5.29 -8.28 -16.24
C GLY B 128 -5.36 -9.53 -15.39
N PRO B 129 -6.53 -10.15 -15.33
CA PRO B 129 -6.72 -11.29 -14.44
C PRO B 129 -6.28 -12.61 -15.04
N SER B 130 -5.91 -13.54 -14.16
CA SER B 130 -5.75 -14.94 -14.53
C SER B 130 -7.05 -15.69 -14.27
N VAL B 131 -7.47 -16.51 -15.22
CA VAL B 131 -8.73 -17.23 -15.16
C VAL B 131 -8.43 -18.72 -15.08
N PHE B 132 -8.89 -19.35 -13.99
CA PHE B 132 -8.70 -20.77 -13.77
C PHE B 132 -10.06 -21.46 -13.66
N PRO B 133 -10.15 -22.74 -14.02
CA PRO B 133 -11.44 -23.44 -13.93
C PRO B 133 -11.70 -24.06 -12.57
N LEU B 134 -12.97 -24.05 -12.17
CA LEU B 134 -13.48 -24.79 -11.02
C LEU B 134 -14.30 -25.92 -11.65
N ALA B 135 -13.66 -27.09 -11.80
CA ALA B 135 -14.16 -28.22 -12.57
C ALA B 135 -15.17 -29.04 -11.76
N PRO B 136 -16.25 -29.49 -12.39
CA PRO B 136 -17.24 -30.30 -11.69
C PRO B 136 -16.75 -31.74 -11.54
N SER B 137 -17.38 -32.44 -10.60
CA SER B 137 -17.12 -33.87 -10.39
C SER B 137 -18.10 -34.44 -9.38
N GLY B 144 -27.61 -35.36 -9.74
CA GLY B 144 -28.68 -34.63 -10.41
C GLY B 144 -28.22 -33.25 -10.86
N THR B 145 -27.70 -32.47 -9.90
CA THR B 145 -27.25 -31.11 -10.15
C THR B 145 -25.78 -31.00 -9.81
N ALA B 146 -24.98 -30.46 -10.73
CA ALA B 146 -23.56 -30.25 -10.52
C ALA B 146 -23.25 -28.75 -10.54
N ALA B 147 -22.14 -28.38 -9.91
CA ALA B 147 -21.70 -27.00 -9.86
C ALA B 147 -20.33 -26.88 -10.52
N LEU B 148 -20.13 -25.78 -11.26
CA LEU B 148 -18.85 -25.51 -11.89
C LEU B 148 -18.66 -24.00 -11.92
N GLY B 149 -17.46 -23.56 -12.33
CA GLY B 149 -17.25 -22.13 -12.38
C GLY B 149 -15.85 -21.72 -12.82
N CYS B 150 -15.56 -20.45 -12.57
CA CYS B 150 -14.31 -19.81 -12.94
C CYS B 150 -13.77 -18.97 -11.78
N LEU B 151 -12.48 -19.10 -11.51
CA LEU B 151 -11.77 -18.29 -10.53
C LEU B 151 -10.99 -17.20 -11.26
N VAL B 152 -11.31 -15.95 -10.98
CA VAL B 152 -10.71 -14.80 -11.63
C VAL B 152 -9.82 -14.09 -10.61
N LYS B 153 -8.50 -14.25 -10.74
CA LYS B 153 -7.57 -13.89 -9.68
C LYS B 153 -6.56 -12.85 -10.16
N ASP B 154 -6.11 -12.00 -9.23
CA ASP B 154 -4.95 -11.14 -9.43
C ASP B 154 -5.18 -10.12 -10.55
N TYR B 155 -6.12 -9.21 -10.34
CA TYR B 155 -6.40 -8.14 -11.30
C TYR B 155 -6.55 -6.83 -10.54
N PHE B 156 -6.39 -5.73 -11.28
CA PHE B 156 -6.50 -4.39 -10.72
C PHE B 156 -6.74 -3.40 -11.85
N PRO B 157 -7.66 -2.44 -11.68
CA PRO B 157 -8.57 -2.35 -10.54
C PRO B 157 -9.91 -3.02 -10.83
N GLU B 158 -10.90 -2.75 -9.98
CA GLU B 158 -12.25 -3.21 -10.25
C GLU B 158 -12.85 -2.39 -11.40
N PRO B 159 -13.84 -2.93 -12.12
CA PRO B 159 -14.44 -4.26 -11.95
C PRO B 159 -14.12 -5.27 -13.06
N VAL B 160 -14.51 -6.51 -12.81
CA VAL B 160 -14.49 -7.57 -13.82
C VAL B 160 -15.92 -8.05 -14.03
N THR B 161 -16.30 -8.23 -15.29
CA THR B 161 -17.59 -8.80 -15.64
C THR B 161 -17.41 -10.22 -16.13
N VAL B 162 -18.31 -11.11 -15.69
CA VAL B 162 -18.29 -12.51 -16.10
C VAL B 162 -19.64 -12.87 -16.69
N SER B 163 -19.63 -13.52 -17.85
CA SER B 163 -20.82 -14.11 -18.43
C SER B 163 -20.53 -15.57 -18.75
N TRP B 164 -21.57 -16.32 -19.10
CA TRP B 164 -21.41 -17.73 -19.42
C TRP B 164 -22.02 -18.02 -20.77
N ASN B 165 -21.26 -18.74 -21.61
CA ASN B 165 -21.68 -19.08 -22.98
C ASN B 165 -22.17 -17.86 -23.73
N SER B 166 -21.38 -16.78 -23.66
CA SER B 166 -21.64 -15.52 -24.36
C SER B 166 -23.02 -14.95 -24.02
N GLY B 167 -23.48 -15.17 -22.79
CA GLY B 167 -24.76 -14.66 -22.35
C GLY B 167 -25.94 -15.57 -22.59
N ALA B 168 -25.74 -16.74 -23.20
CA ALA B 168 -26.84 -17.66 -23.41
C ALA B 168 -27.26 -18.36 -22.12
N LEU B 169 -26.32 -18.55 -21.20
CA LEU B 169 -26.57 -19.24 -19.94
C LEU B 169 -26.62 -18.21 -18.82
N THR B 170 -27.79 -18.06 -18.19
CA THR B 170 -27.97 -17.13 -17.09
C THR B 170 -28.65 -17.72 -15.87
N SER B 171 -29.40 -18.81 -16.01
CA SER B 171 -30.09 -19.40 -14.88
C SER B 171 -29.11 -20.08 -13.94
N GLY B 172 -29.17 -19.73 -12.65
CA GLY B 172 -28.32 -20.33 -11.65
C GLY B 172 -26.90 -19.83 -11.59
N VAL B 173 -26.62 -18.66 -12.16
CA VAL B 173 -25.28 -18.09 -12.14
C VAL B 173 -25.16 -17.16 -10.94
N HIS B 174 -24.07 -17.32 -10.18
CA HIS B 174 -23.74 -16.42 -9.07
C HIS B 174 -22.31 -15.93 -9.26
N THR B 175 -22.14 -14.62 -9.39
CA THR B 175 -20.82 -14.01 -9.46
C THR B 175 -20.59 -13.24 -8.17
N PHE B 176 -19.58 -13.66 -7.41
CA PHE B 176 -19.39 -13.16 -6.06
C PHE B 176 -18.70 -11.80 -6.07
N PRO B 177 -18.92 -10.99 -5.03
CA PRO B 177 -18.16 -9.74 -4.88
C PRO B 177 -16.66 -10.03 -4.81
N ALA B 178 -15.88 -9.15 -5.42
CA ALA B 178 -14.43 -9.27 -5.36
C ALA B 178 -13.94 -9.06 -3.94
N VAL B 179 -12.85 -9.75 -3.60
CA VAL B 179 -12.17 -9.57 -2.34
C VAL B 179 -10.77 -9.03 -2.63
N LEU B 180 -10.29 -8.17 -1.74
CA LEU B 180 -8.96 -7.57 -1.87
C LEU B 180 -7.97 -8.40 -1.09
N GLN B 181 -6.97 -8.94 -1.79
CA GLN B 181 -5.96 -9.79 -1.18
C GLN B 181 -4.83 -8.95 -0.60
N SER B 182 -4.06 -9.57 0.29
CA SER B 182 -2.93 -8.88 0.92
C SER B 182 -1.89 -8.41 -0.09
N SER B 183 -1.89 -8.99 -1.29
CA SER B 183 -0.99 -8.57 -2.36
C SER B 183 -1.39 -7.26 -3.01
N GLY B 184 -2.57 -6.73 -2.72
CA GLY B 184 -3.07 -5.54 -3.37
C GLY B 184 -3.86 -5.79 -4.64
N LEU B 185 -4.13 -7.04 -4.99
CA LEU B 185 -4.88 -7.41 -6.18
C LEU B 185 -6.21 -8.04 -5.79
N TYR B 186 -7.18 -7.96 -6.70
CA TYR B 186 -8.53 -8.43 -6.44
C TYR B 186 -8.73 -9.86 -6.94
N SER B 187 -9.71 -10.54 -6.34
CA SER B 187 -10.04 -11.90 -6.76
C SER B 187 -11.53 -12.15 -6.56
N LEU B 188 -12.11 -12.93 -7.47
CA LEU B 188 -13.51 -13.33 -7.33
C LEU B 188 -13.71 -14.69 -7.96
N SER B 189 -14.91 -15.23 -7.78
CA SER B 189 -15.33 -16.47 -8.42
C SER B 189 -16.71 -16.27 -9.03
N SER B 190 -16.97 -17.00 -10.10
CA SER B 190 -18.29 -17.08 -10.70
C SER B 190 -18.66 -18.54 -10.83
N VAL B 191 -19.85 -18.91 -10.36
CA VAL B 191 -20.28 -20.31 -10.37
C VAL B 191 -21.63 -20.42 -11.05
N VAL B 192 -21.92 -21.62 -11.52
CA VAL B 192 -23.22 -21.95 -12.09
C VAL B 192 -23.52 -23.42 -11.79
N THR B 193 -24.79 -23.70 -11.49
CA THR B 193 -25.27 -25.05 -11.30
C THR B 193 -26.04 -25.49 -12.54
N VAL B 194 -25.78 -26.71 -12.97
CA VAL B 194 -26.31 -27.24 -14.24
C VAL B 194 -26.77 -28.67 -14.02
N PRO B 195 -27.61 -29.18 -14.93
CA PRO B 195 -27.97 -30.60 -14.87
C PRO B 195 -26.72 -31.48 -14.97
N SER B 196 -26.63 -32.46 -14.08
CA SER B 196 -25.46 -33.34 -14.06
C SER B 196 -25.34 -34.16 -15.35
N SER B 197 -26.47 -34.47 -15.98
CA SER B 197 -26.44 -35.25 -17.22
C SER B 197 -25.90 -34.44 -18.39
N SER B 198 -25.91 -33.12 -18.31
CA SER B 198 -25.47 -32.26 -19.40
C SER B 198 -23.95 -32.06 -19.44
N LEU B 199 -23.22 -32.61 -18.47
CA LEU B 199 -21.77 -32.40 -18.43
C LEU B 199 -21.04 -33.06 -19.59
N GLY B 200 -21.66 -34.04 -20.25
CA GLY B 200 -21.06 -34.65 -21.42
C GLY B 200 -21.40 -33.94 -22.72
N THR B 201 -22.65 -33.50 -22.84
CA THR B 201 -23.14 -32.93 -24.08
C THR B 201 -22.87 -31.43 -24.20
N GLN B 202 -23.09 -30.66 -23.14
CA GLN B 202 -22.99 -29.22 -23.21
C GLN B 202 -21.59 -28.74 -22.86
N THR B 203 -21.10 -27.77 -23.64
CA THR B 203 -19.85 -27.09 -23.32
C THR B 203 -20.16 -25.84 -22.50
N TYR B 204 -19.33 -25.60 -21.50
CA TYR B 204 -19.50 -24.45 -20.61
C TYR B 204 -18.26 -23.59 -20.69
N ILE B 205 -18.45 -22.32 -21.05
CA ILE B 205 -17.36 -21.37 -21.24
C ILE B 205 -17.70 -20.12 -20.44
N CYS B 206 -16.76 -19.66 -19.62
CA CYS B 206 -16.92 -18.40 -18.92
C CYS B 206 -16.14 -17.32 -19.68
N ASN B 207 -16.81 -16.20 -19.92
CA ASN B 207 -16.25 -15.07 -20.63
C ASN B 207 -15.99 -13.96 -19.63
N VAL B 208 -14.73 -13.63 -19.41
CA VAL B 208 -14.29 -12.64 -18.44
C VAL B 208 -13.83 -11.41 -19.19
N ASN B 209 -14.36 -10.25 -18.81
CA ASN B 209 -13.99 -8.97 -19.38
C ASN B 209 -13.48 -8.06 -18.28
N HIS B 210 -12.28 -7.52 -18.48
CA HIS B 210 -11.66 -6.54 -17.60
C HIS B 210 -11.36 -5.32 -18.46
N LYS B 211 -12.29 -4.35 -18.44
CA LYS B 211 -12.14 -3.15 -19.26
C LYS B 211 -10.90 -2.32 -18.92
N PRO B 212 -10.54 -2.07 -17.65
CA PRO B 212 -9.40 -1.19 -17.38
C PRO B 212 -8.10 -1.63 -18.04
N SER B 213 -7.93 -2.93 -18.28
CA SER B 213 -6.74 -3.43 -18.95
C SER B 213 -7.03 -3.94 -20.35
N ASN B 214 -8.24 -3.70 -20.86
CA ASN B 214 -8.67 -4.19 -22.17
C ASN B 214 -8.35 -5.67 -22.32
N THR B 215 -8.75 -6.46 -21.32
CA THR B 215 -8.50 -7.89 -21.32
C THR B 215 -9.80 -8.66 -21.46
N LYS B 216 -9.79 -9.65 -22.34
CA LYS B 216 -10.92 -10.56 -22.49
C LYS B 216 -10.39 -11.99 -22.53
N VAL B 217 -10.96 -12.86 -21.70
CA VAL B 217 -10.52 -14.25 -21.61
C VAL B 217 -11.74 -15.15 -21.69
N ASP B 218 -11.67 -16.16 -22.55
CA ASP B 218 -12.69 -17.20 -22.61
C ASP B 218 -12.07 -18.50 -22.09
N LYS B 219 -12.69 -19.08 -21.08
CA LYS B 219 -12.15 -20.29 -20.45
C LYS B 219 -13.20 -21.39 -20.46
N LYS B 220 -12.81 -22.54 -20.98
CA LYS B 220 -13.68 -23.71 -21.05
C LYS B 220 -13.55 -24.51 -19.75
N VAL B 221 -14.68 -24.80 -19.12
CA VAL B 221 -14.72 -25.53 -17.87
C VAL B 221 -15.32 -26.89 -18.16
N GLU B 222 -14.49 -27.92 -18.08
CA GLU B 222 -14.86 -29.29 -18.37
C GLU B 222 -14.50 -30.19 -17.21
N PRO B 223 -15.12 -31.36 -17.11
CA PRO B 223 -14.69 -32.35 -16.11
C PRO B 223 -13.25 -32.80 -16.38
N LYS B 224 -12.53 -33.09 -15.30
CA LYS B 224 -11.13 -33.47 -15.39
C LYS B 224 -10.96 -34.99 -15.37
N ASP C 1 -20.23 6.32 26.89
CA ASP C 1 -20.96 5.68 27.98
C ASP C 1 -22.31 5.17 27.51
N VAL C 2 -22.94 5.92 26.60
CA VAL C 2 -24.25 5.52 26.08
C VAL C 2 -24.07 4.36 25.12
N VAL C 3 -24.77 3.26 25.38
CA VAL C 3 -24.79 2.09 24.53
C VAL C 3 -26.17 1.99 23.87
N MET C 4 -26.18 1.78 22.56
CA MET C 4 -27.41 1.65 21.79
C MET C 4 -27.57 0.23 21.30
N THR C 5 -28.76 -0.34 21.49
CA THR C 5 -29.06 -1.70 21.04
C THR C 5 -30.32 -1.69 20.18
N GLN C 6 -30.20 -2.23 18.97
CA GLN C 6 -31.30 -2.33 18.03
C GLN C 6 -31.94 -3.71 18.12
N SER C 7 -33.25 -3.76 17.94
CA SER C 7 -34.00 -5.01 17.93
C SER C 7 -34.98 -4.98 16.76
N PRO C 8 -35.00 -6.03 15.92
CA PRO C 8 -34.02 -7.13 15.95
C PRO C 8 -32.77 -6.83 15.15
N SER C 9 -31.82 -7.77 15.11
CA SER C 9 -30.65 -7.60 14.26
C SER C 9 -30.99 -7.85 12.79
N THR C 10 -31.89 -8.80 12.52
CA THR C 10 -32.33 -9.10 11.16
C THR C 10 -33.84 -9.26 11.16
N LEU C 11 -34.50 -8.63 10.18
CA LEU C 11 -35.96 -8.63 10.08
C LEU C 11 -36.35 -9.11 8.70
N SER C 12 -37.10 -10.22 8.64
CA SER C 12 -37.59 -10.78 7.39
C SER C 12 -39.04 -10.34 7.17
N ALA C 13 -39.32 -9.77 6.00
CA ALA C 13 -40.66 -9.27 5.74
C ALA C 13 -40.98 -9.38 4.25
N SER C 14 -42.24 -9.07 3.92
CA SER C 14 -42.73 -9.11 2.56
C SER C 14 -43.19 -7.71 2.13
N VAL C 15 -43.25 -7.51 0.82
CA VAL C 15 -43.74 -6.24 0.28
C VAL C 15 -45.14 -5.95 0.80
N GLY C 16 -45.36 -4.69 1.20
CA GLY C 16 -46.63 -4.25 1.72
C GLY C 16 -46.76 -4.29 3.23
N ASP C 17 -45.84 -4.97 3.93
CA ASP C 17 -45.95 -5.10 5.36
C ASP C 17 -45.73 -3.76 6.07
N THR C 18 -46.21 -3.71 7.31
CA THR C 18 -45.85 -2.67 8.25
C THR C 18 -44.88 -3.28 9.25
N ILE C 19 -43.68 -2.71 9.35
CA ILE C 19 -42.66 -3.27 10.22
C ILE C 19 -42.18 -2.21 11.21
N THR C 20 -41.70 -2.69 12.35
CA THR C 20 -41.15 -1.84 13.40
C THR C 20 -39.78 -2.34 13.83
N ILE C 21 -38.86 -1.39 14.03
CA ILE C 21 -37.53 -1.65 14.58
C ILE C 21 -37.36 -0.76 15.80
N THR C 22 -36.89 -1.33 16.91
CA THR C 22 -36.75 -0.53 18.11
C THR C 22 -35.28 -0.31 18.45
N CYS C 23 -35.00 0.82 19.10
CA CYS C 23 -33.67 1.19 19.52
C CYS C 23 -33.75 1.55 20.99
N ARG C 24 -32.88 0.94 21.80
CA ARG C 24 -32.89 1.09 23.25
C ARG C 24 -31.54 1.66 23.70
N ALA C 25 -31.60 2.72 24.50
CA ALA C 25 -30.42 3.39 25.04
C ALA C 25 -30.20 3.04 26.50
N SER C 26 -28.93 2.87 26.88
CA SER C 26 -28.59 2.50 28.25
C SER C 26 -28.85 3.62 29.24
N GLN C 27 -29.05 4.85 28.77
CA GLN C 27 -29.47 5.95 29.63
C GLN C 27 -30.29 6.92 28.81
N SER C 28 -30.99 7.82 29.49
CA SER C 28 -31.89 8.74 28.82
C SER C 28 -31.13 9.67 27.88
N ILE C 29 -31.64 9.85 26.67
CA ILE C 29 -31.04 10.73 25.68
C ILE C 29 -32.09 11.71 25.14
N GLU C 30 -33.16 11.91 25.91
CA GLU C 30 -34.28 12.77 25.50
C GLU C 30 -34.83 12.31 24.16
N THR C 31 -34.67 13.13 23.12
CA THR C 31 -35.06 12.78 21.77
C THR C 31 -33.93 13.02 20.78
N TRP C 32 -32.69 13.05 21.25
CA TRP C 32 -31.54 13.24 20.36
C TRP C 32 -31.19 11.90 19.70
N LEU C 33 -32.07 11.47 18.79
CA LEU C 33 -31.91 10.20 18.11
C LEU C 33 -32.28 10.36 16.63
N ALA C 34 -31.48 9.74 15.77
CA ALA C 34 -31.70 9.78 14.33
C ALA C 34 -31.70 8.36 13.77
N TRP C 35 -32.38 8.20 12.63
CA TRP C 35 -32.42 6.93 11.89
C TRP C 35 -31.83 7.14 10.50
N TYR C 36 -31.06 6.14 10.05
CA TYR C 36 -30.43 6.17 8.74
C TYR C 36 -30.72 4.88 7.98
N GLN C 37 -30.84 5.02 6.66
CA GLN C 37 -30.90 3.89 5.74
C GLN C 37 -29.57 3.74 5.02
N GLN C 38 -29.12 2.51 4.83
CA GLN C 38 -27.92 2.25 4.05
C GLN C 38 -28.09 0.98 3.23
N LYS C 39 -27.79 1.07 1.95
CA LYS C 39 -27.74 -0.02 1.01
C LYS C 39 -26.30 -0.41 0.74
N PRO C 40 -26.04 -1.67 0.37
CA PRO C 40 -24.64 -2.14 0.26
C PRO C 40 -23.83 -1.31 -0.71
N GLY C 41 -22.63 -0.92 -0.26
CA GLY C 41 -21.72 -0.14 -1.07
C GLY C 41 -22.07 1.34 -1.19
N LYS C 42 -23.10 1.82 -0.50
CA LYS C 42 -23.51 3.21 -0.58
C LYS C 42 -23.34 3.89 0.78
N ALA C 43 -23.48 5.20 0.77
CA ALA C 43 -23.40 6.02 1.97
C ALA C 43 -24.74 6.02 2.71
N PRO C 44 -24.71 6.15 4.04
CA PRO C 44 -25.97 6.29 4.79
C PRO C 44 -26.76 7.51 4.34
N LYS C 45 -28.07 7.41 4.47
CA LYS C 45 -29.01 8.49 4.19
C LYS C 45 -29.85 8.72 5.43
N LEU C 46 -29.91 9.97 5.87
CA LEU C 46 -30.71 10.33 7.03
C LEU C 46 -32.19 10.27 6.68
N LEU C 47 -32.99 9.57 7.49
CA LEU C 47 -34.42 9.50 7.31
C LEU C 47 -35.16 10.36 8.33
N ILE C 48 -34.79 10.23 9.59
CA ILE C 48 -35.54 10.78 10.72
C ILE C 48 -34.54 11.28 11.75
N TYR C 49 -34.81 12.47 12.31
CA TYR C 49 -33.98 13.02 13.36
C TYR C 49 -34.86 13.62 14.44
N LYS C 50 -34.25 13.89 15.59
CA LYS C 50 -34.96 14.26 16.82
C LYS C 50 -36.13 13.31 17.08
N ALA C 51 -35.84 12.01 16.94
CA ALA C 51 -36.75 10.90 17.25
C ALA C 51 -37.94 10.80 16.29
N SER C 52 -38.53 11.92 15.89
CA SER C 52 -39.78 11.86 15.12
C SER C 52 -39.85 12.80 13.93
N THR C 53 -38.87 13.66 13.70
CA THR C 53 -38.94 14.62 12.61
C THR C 53 -38.45 13.97 11.32
N LEU C 54 -39.29 14.01 10.29
CA LEU C 54 -38.99 13.39 9.01
C LEU C 54 -38.20 14.37 8.15
N LYS C 55 -37.05 13.93 7.64
CA LYS C 55 -36.26 14.79 6.77
C LYS C 55 -36.99 15.04 5.46
N THR C 56 -36.85 16.26 4.93
CA THR C 56 -37.54 16.63 3.70
C THR C 56 -37.09 15.75 2.55
N GLY C 57 -38.05 15.22 1.80
CA GLY C 57 -37.79 14.31 0.71
C GLY C 57 -37.96 12.85 1.06
N VAL C 58 -38.04 12.50 2.34
CA VAL C 58 -38.18 11.10 2.75
C VAL C 58 -39.65 10.72 2.65
N PRO C 59 -39.99 9.59 2.03
CA PRO C 59 -41.40 9.20 1.89
C PRO C 59 -42.12 9.09 3.22
N SER C 60 -43.43 9.36 3.19
CA SER C 60 -44.24 9.44 4.40
C SER C 60 -44.47 8.08 5.06
N ARG C 61 -44.14 6.98 4.38
CA ARG C 61 -44.30 5.67 5.01
C ARG C 61 -43.28 5.42 6.12
N PHE C 62 -42.24 6.26 6.22
CA PHE C 62 -41.29 6.19 7.32
C PHE C 62 -41.77 7.10 8.46
N SER C 63 -41.76 6.58 9.67
CA SER C 63 -42.09 7.41 10.83
C SER C 63 -41.31 6.93 12.05
N GLY C 64 -41.14 7.83 13.01
CA GLY C 64 -40.39 7.50 14.21
C GLY C 64 -41.09 8.06 15.43
N SER C 65 -40.87 7.38 16.56
CA SER C 65 -41.45 7.80 17.82
C SER C 65 -40.54 7.37 18.96
N GLY C 66 -40.86 7.84 20.16
CA GLY C 66 -40.18 7.42 21.37
C GLY C 66 -39.44 8.56 22.03
N SER C 67 -38.91 8.25 23.21
CA SER C 67 -38.16 9.22 24.01
C SER C 67 -37.47 8.48 25.14
N GLY C 68 -36.71 9.23 25.93
CA GLY C 68 -36.04 8.70 27.09
C GLY C 68 -35.02 7.65 26.71
N THR C 69 -35.42 6.38 26.78
CA THR C 69 -34.54 5.26 26.45
C THR C 69 -35.13 4.32 25.41
N GLU C 70 -36.30 4.64 24.83
CA GLU C 70 -36.94 3.69 23.92
C GLU C 70 -37.47 4.43 22.70
N PHE C 71 -37.09 3.94 21.52
CA PHE C 71 -37.43 4.60 20.27
C PHE C 71 -37.83 3.55 19.25
N THR C 72 -38.67 3.97 18.29
CA THR C 72 -39.25 3.06 17.32
C THR C 72 -39.23 3.70 15.94
N LEU C 73 -38.71 2.96 14.96
CA LEU C 73 -38.88 3.27 13.55
C LEU C 73 -39.95 2.36 12.99
N THR C 74 -40.89 2.94 12.24
CA THR C 74 -41.98 2.20 11.62
C THR C 74 -42.00 2.48 10.13
N ILE C 75 -42.04 1.43 9.33
CA ILE C 75 -42.25 1.54 7.89
C ILE C 75 -43.62 0.96 7.58
N SER C 76 -44.52 1.81 7.07
CA SER C 76 -45.91 1.46 6.82
C SER C 76 -46.11 1.24 5.32
N GLY C 77 -46.06 -0.02 4.90
CA GLY C 77 -46.20 -0.33 3.50
C GLY C 77 -44.87 -0.57 2.81
N LEU C 78 -44.15 -1.60 3.25
CA LEU C 78 -42.84 -1.93 2.73
C LEU C 78 -42.84 -2.06 1.21
N GLN C 79 -41.92 -1.36 0.57
CA GLN C 79 -41.68 -1.48 -0.86
C GLN C 79 -40.30 -2.11 -1.07
N PHE C 80 -40.07 -2.62 -2.29
CA PHE C 80 -38.81 -3.28 -2.59
C PHE C 80 -37.61 -2.39 -2.27
N ASP C 81 -37.68 -1.12 -2.68
CA ASP C 81 -36.59 -0.18 -2.45
C ASP C 81 -36.24 -0.05 -0.98
N ASP C 82 -37.15 -0.43 -0.09
CA ASP C 82 -36.93 -0.30 1.35
C ASP C 82 -36.12 -1.43 1.95
N PHE C 83 -35.82 -2.49 1.21
CA PHE C 83 -35.01 -3.56 1.77
C PHE C 83 -33.55 -3.11 1.83
N ALA C 84 -33.01 -3.00 3.04
CA ALA C 84 -31.73 -2.34 3.31
C ALA C 84 -31.37 -2.50 4.77
N THR C 85 -30.28 -1.87 5.21
CA THR C 85 -29.93 -1.81 6.62
C THR C 85 -30.34 -0.47 7.20
N TYR C 86 -30.84 -0.50 8.44
CA TYR C 86 -31.24 0.71 9.14
C TYR C 86 -30.45 0.85 10.42
N HIS C 87 -29.97 2.06 10.70
CA HIS C 87 -29.12 2.35 11.83
C HIS C 87 -29.77 3.41 12.71
N CYS C 88 -29.74 3.21 14.03
CA CYS C 88 -30.11 4.28 14.95
C CYS C 88 -28.83 4.92 15.49
N GLN C 89 -28.94 6.20 15.84
CA GLN C 89 -27.76 6.97 16.25
C GLN C 89 -28.18 7.99 17.29
N HIS C 90 -27.53 7.94 18.45
CA HIS C 90 -27.60 9.03 19.41
C HIS C 90 -26.50 10.02 19.05
N TYR C 91 -26.87 11.29 18.90
CA TYR C 91 -25.92 12.33 18.53
C TYR C 91 -25.90 13.38 19.64
N ALA C 92 -24.69 13.74 20.05
CA ALA C 92 -24.46 14.69 21.14
C ALA C 92 -23.64 15.87 20.61
N GLY C 93 -23.15 16.69 21.55
CA GLY C 93 -22.44 17.89 21.14
C GLY C 93 -21.13 17.63 20.45
N TYR C 94 -20.38 16.65 20.94
CA TYR C 94 -19.03 16.38 20.38
C TYR C 94 -18.91 14.95 19.85
N SER C 95 -19.70 14.02 20.36
CA SER C 95 -19.57 12.61 19.88
C SER C 95 -20.91 12.06 19.41
N ALA C 96 -20.88 10.84 18.88
CA ALA C 96 -22.09 10.13 18.41
C ALA C 96 -21.90 8.63 18.66
N THR C 97 -23.01 7.92 18.91
CA THR C 97 -22.96 6.46 19.15
C THR C 97 -24.06 5.81 18.31
N PHE C 98 -23.72 4.75 17.59
CA PHE C 98 -24.72 4.11 16.70
C PHE C 98 -25.15 2.76 17.28
N GLY C 99 -26.21 2.21 16.68
CA GLY C 99 -26.68 0.86 17.01
C GLY C 99 -25.93 -0.16 16.18
N GLN C 100 -26.18 -1.44 16.40
CA GLN C 100 -25.44 -2.42 15.60
C GLN C 100 -26.01 -2.56 14.19
N GLY C 101 -27.16 -1.94 13.91
CA GLY C 101 -27.75 -2.05 12.59
C GLY C 101 -28.77 -3.17 12.47
N THR C 102 -29.82 -2.93 11.69
CA THR C 102 -30.87 -3.91 11.45
C THR C 102 -31.01 -4.12 9.96
N ARG C 103 -30.78 -5.35 9.50
CA ARG C 103 -30.91 -5.68 8.08
C ARG C 103 -32.32 -6.18 7.81
N VAL C 104 -33.01 -5.51 6.90
CA VAL C 104 -34.36 -5.87 6.50
C VAL C 104 -34.26 -6.63 5.18
N GLU C 105 -34.72 -7.88 5.19
CA GLU C 105 -34.59 -8.78 4.04
C GLU C 105 -35.95 -9.32 3.63
N ILE C 106 -35.97 -9.94 2.45
CA ILE C 106 -37.18 -10.50 1.88
C ILE C 106 -37.44 -11.87 2.51
N LYS C 107 -38.65 -12.06 3.01
CA LYS C 107 -38.99 -13.30 3.70
C LYS C 107 -39.15 -14.45 2.72
N ARG C 108 -38.58 -15.60 3.09
CA ARG C 108 -38.80 -16.84 2.37
C ARG C 108 -38.59 -18.00 3.34
N THR C 109 -38.75 -19.22 2.84
CA THR C 109 -38.57 -20.37 3.71
C THR C 109 -37.07 -20.63 3.95
N VAL C 110 -36.79 -21.28 5.10
CA VAL C 110 -35.42 -21.67 5.42
C VAL C 110 -34.91 -22.65 4.38
N ALA C 111 -33.67 -22.45 3.94
CA ALA C 111 -33.05 -23.32 2.96
C ALA C 111 -31.62 -23.63 3.40
N ALA C 112 -31.32 -24.91 3.59
CA ALA C 112 -29.96 -25.31 3.90
C ALA C 112 -29.06 -25.14 2.67
N PRO C 113 -27.78 -24.85 2.86
CA PRO C 113 -26.89 -24.66 1.70
C PRO C 113 -26.55 -25.98 1.04
N SER C 114 -26.38 -25.94 -0.28
CA SER C 114 -25.74 -27.02 -1.01
C SER C 114 -24.24 -26.75 -1.10
N VAL C 115 -23.43 -27.71 -0.70
CA VAL C 115 -21.99 -27.50 -0.53
C VAL C 115 -21.22 -28.23 -1.62
N PHE C 116 -20.23 -27.55 -2.18
CA PHE C 116 -19.36 -28.08 -3.22
C PHE C 116 -17.92 -27.67 -2.90
N ILE C 117 -16.96 -28.52 -3.24
CA ILE C 117 -15.55 -28.22 -3.06
C ILE C 117 -14.82 -28.38 -4.39
N PHE C 118 -13.86 -27.49 -4.64
CA PHE C 118 -13.14 -27.42 -5.91
C PHE C 118 -11.65 -27.43 -5.61
N PRO C 119 -10.91 -28.41 -6.12
CA PRO C 119 -9.44 -28.40 -5.97
C PRO C 119 -8.81 -27.37 -6.89
N PRO C 120 -7.55 -27.01 -6.64
CA PRO C 120 -6.86 -26.08 -7.54
C PRO C 120 -6.59 -26.71 -8.90
N SER C 121 -6.59 -25.87 -9.93
CA SER C 121 -6.23 -26.34 -11.26
C SER C 121 -4.73 -26.59 -11.35
N ASP C 122 -4.36 -27.49 -12.27
CA ASP C 122 -2.95 -27.82 -12.44
C ASP C 122 -2.16 -26.64 -12.99
N GLU C 123 -2.80 -25.80 -13.81
CA GLU C 123 -2.13 -24.61 -14.32
C GLU C 123 -1.72 -23.69 -13.17
N GLN C 124 -2.67 -23.34 -12.30
CA GLN C 124 -2.34 -22.47 -11.18
C GLN C 124 -1.33 -23.13 -10.25
N LEU C 125 -1.49 -24.43 -9.98
CA LEU C 125 -0.55 -25.13 -9.13
C LEU C 125 0.87 -25.05 -9.69
N LYS C 126 1.03 -25.30 -10.99
CA LYS C 126 2.33 -25.17 -11.63
C LYS C 126 2.87 -23.75 -11.51
N SER C 127 1.99 -22.75 -11.59
CA SER C 127 2.45 -21.38 -11.41
C SER C 127 2.92 -21.10 -9.98
N GLY C 128 2.60 -21.96 -9.02
CA GLY C 128 3.16 -21.86 -7.67
C GLY C 128 2.16 -21.60 -6.56
N THR C 129 0.86 -21.56 -6.83
CA THR C 129 -0.14 -21.25 -5.82
C THR C 129 -1.30 -22.24 -5.95
N ALA C 130 -1.95 -22.54 -4.83
CA ALA C 130 -3.10 -23.44 -4.81
C ALA C 130 -4.26 -22.73 -4.13
N SER C 131 -5.31 -22.43 -4.90
CA SER C 131 -6.56 -21.93 -4.36
C SER C 131 -7.59 -23.05 -4.34
N VAL C 132 -8.07 -23.40 -3.15
CA VAL C 132 -9.11 -24.40 -2.95
C VAL C 132 -10.39 -23.67 -2.61
N VAL C 133 -11.48 -23.99 -3.31
CA VAL C 133 -12.70 -23.19 -3.22
C VAL C 133 -13.82 -24.03 -2.62
N CYS C 134 -14.57 -23.43 -1.69
CA CYS C 134 -15.75 -24.05 -1.09
C CYS C 134 -16.95 -23.17 -1.40
N LEU C 135 -18.00 -23.77 -1.95
CA LEU C 135 -19.21 -23.07 -2.35
C LEU C 135 -20.39 -23.54 -1.52
N LEU C 136 -21.14 -22.59 -0.95
CA LEU C 136 -22.40 -22.83 -0.27
C LEU C 136 -23.46 -22.11 -1.09
N ASN C 137 -24.34 -22.87 -1.73
CA ASN C 137 -25.26 -22.32 -2.71
C ASN C 137 -26.69 -22.33 -2.18
N ASN C 138 -27.38 -21.21 -2.42
CA ASN C 138 -28.83 -21.09 -2.28
C ASN C 138 -29.30 -21.49 -0.87
N PHE C 139 -28.87 -20.69 0.11
CA PHE C 139 -29.28 -20.91 1.48
C PHE C 139 -29.95 -19.66 2.03
N TYR C 140 -30.68 -19.85 3.13
CA TYR C 140 -31.43 -18.80 3.81
C TYR C 140 -31.75 -19.26 5.22
N PRO C 141 -31.55 -18.42 6.25
CA PRO C 141 -31.01 -17.06 6.16
C PRO C 141 -29.50 -17.00 5.93
N ARG C 142 -28.93 -15.80 6.02
CA ARG C 142 -27.57 -15.56 5.51
C ARG C 142 -26.48 -16.11 6.43
N GLU C 143 -26.74 -16.31 7.71
CA GLU C 143 -25.70 -16.71 8.65
C GLU C 143 -25.31 -18.17 8.43
N ALA C 144 -24.02 -18.40 8.14
CA ALA C 144 -23.47 -19.74 7.99
C ALA C 144 -22.02 -19.70 8.44
N LYS C 145 -21.50 -20.84 8.88
CA LYS C 145 -20.11 -20.93 9.31
C LYS C 145 -19.37 -21.99 8.50
N VAL C 146 -18.21 -21.60 7.97
CA VAL C 146 -17.36 -22.45 7.13
C VAL C 146 -15.99 -22.58 7.79
N GLN C 147 -15.53 -23.82 7.94
CA GLN C 147 -14.20 -24.12 8.44
C GLN C 147 -13.45 -25.01 7.46
N TRP C 148 -12.13 -24.84 7.40
CA TRP C 148 -11.26 -25.65 6.56
C TRP C 148 -10.47 -26.63 7.40
N LYS C 149 -10.33 -27.86 6.91
CA LYS C 149 -9.51 -28.88 7.54
C LYS C 149 -8.58 -29.50 6.52
N VAL C 150 -7.29 -29.56 6.85
CA VAL C 150 -6.27 -30.12 5.98
C VAL C 150 -5.59 -31.26 6.72
N ASP C 151 -5.72 -32.49 6.21
CA ASP C 151 -5.33 -33.70 6.93
C ASP C 151 -5.90 -33.70 8.35
N ASN C 152 -7.17 -33.31 8.47
CA ASN C 152 -7.92 -33.24 9.71
C ASN C 152 -7.41 -32.16 10.65
N ALA C 153 -6.52 -31.28 10.19
CA ALA C 153 -6.02 -30.17 10.99
C ALA C 153 -6.84 -28.92 10.69
N LEU C 154 -7.40 -28.30 11.73
CA LEU C 154 -8.20 -27.10 11.54
C LEU C 154 -7.31 -25.94 11.13
N GLN C 155 -7.70 -25.22 10.08
CA GLN C 155 -6.93 -24.11 9.55
C GLN C 155 -7.43 -22.78 10.12
N SER C 156 -6.52 -21.81 10.17
CA SER C 156 -6.88 -20.46 10.58
C SER C 156 -5.95 -19.46 9.91
N GLY C 157 -6.52 -18.35 9.44
CA GLY C 157 -5.76 -17.23 8.89
C GLY C 157 -5.42 -17.32 7.42
N ASN C 158 -5.81 -18.39 6.72
CA ASN C 158 -5.44 -18.57 5.33
C ASN C 158 -6.64 -18.71 4.39
N SER C 159 -7.79 -18.16 4.77
CA SER C 159 -8.98 -18.22 3.93
C SER C 159 -9.69 -16.88 3.91
N GLN C 160 -10.46 -16.65 2.85
CA GLN C 160 -11.25 -15.43 2.71
C GLN C 160 -12.64 -15.80 2.19
N GLU C 161 -13.66 -15.07 2.68
CA GLU C 161 -15.05 -15.37 2.35
C GLU C 161 -15.69 -14.21 1.59
N SER C 162 -16.65 -14.56 0.74
CA SER C 162 -17.45 -13.58 0.00
C SER C 162 -18.87 -14.07 -0.13
N VAL C 163 -19.84 -13.16 0.01
CA VAL C 163 -21.25 -13.53 0.06
C VAL C 163 -22.05 -12.61 -0.88
N THR C 164 -23.00 -13.21 -1.60
CA THR C 164 -23.84 -12.46 -2.52
C THR C 164 -25.01 -11.80 -1.78
N GLU C 165 -25.71 -10.92 -2.48
CA GLU C 165 -26.97 -10.36 -2.02
C GLU C 165 -28.11 -11.33 -2.35
N GLN C 166 -29.29 -11.06 -1.80
CA GLN C 166 -30.44 -11.93 -2.04
C GLN C 166 -30.70 -12.08 -3.54
N ASP C 167 -30.85 -13.33 -3.97
CA ASP C 167 -31.09 -13.62 -5.38
C ASP C 167 -32.40 -13.03 -5.82
N SER C 168 -32.40 -12.43 -7.02
CA SER C 168 -33.58 -11.76 -7.53
C SER C 168 -34.73 -12.73 -7.78
N LYS C 169 -34.41 -14.01 -8.06
CA LYS C 169 -35.49 -14.96 -8.37
C LYS C 169 -36.00 -15.70 -7.13
N ASP C 170 -35.11 -16.23 -6.29
CA ASP C 170 -35.55 -17.07 -5.16
C ASP C 170 -35.18 -16.52 -3.79
N SER C 171 -34.56 -15.34 -3.72
CA SER C 171 -34.28 -14.66 -2.46
C SER C 171 -33.33 -15.44 -1.54
N THR C 172 -32.48 -16.29 -2.09
CA THR C 172 -31.48 -16.99 -1.30
C THR C 172 -30.14 -16.26 -1.34
N TYR C 173 -29.19 -16.78 -0.57
CA TYR C 173 -27.81 -16.30 -0.59
C TYR C 173 -26.87 -17.41 -1.05
N SER C 174 -25.68 -17.00 -1.48
CA SER C 174 -24.60 -17.93 -1.75
C SER C 174 -23.31 -17.35 -1.18
N LEU C 175 -22.40 -18.24 -0.80
CA LEU C 175 -21.16 -17.87 -0.13
C LEU C 175 -20.02 -18.71 -0.69
N SER C 176 -18.87 -18.06 -0.90
CA SER C 176 -17.65 -18.75 -1.29
C SER C 176 -16.58 -18.53 -0.23
N SER C 177 -15.80 -19.57 0.04
CA SER C 177 -14.65 -19.50 0.93
C SER C 177 -13.45 -20.04 0.16
N THR C 178 -12.38 -19.25 0.09
CA THR C 178 -11.19 -19.61 -0.67
C THR C 178 -10.03 -19.77 0.29
N LEU C 179 -9.41 -20.96 0.25
CA LEU C 179 -8.23 -21.30 1.03
C LEU C 179 -7.02 -21.21 0.10
N THR C 180 -6.06 -20.36 0.44
CA THR C 180 -4.91 -20.12 -0.42
C THR C 180 -3.65 -20.67 0.26
N LEU C 181 -2.92 -21.51 -0.48
CA LEU C 181 -1.70 -22.12 0.01
C LEU C 181 -0.62 -22.01 -1.06
N SER C 182 0.64 -22.11 -0.62
CA SER C 182 1.73 -22.28 -1.56
C SER C 182 1.71 -23.68 -2.15
N LYS C 183 2.35 -23.82 -3.31
CA LYS C 183 2.41 -25.11 -3.98
C LYS C 183 3.04 -26.18 -3.08
N ALA C 184 4.11 -25.81 -2.37
CA ALA C 184 4.79 -26.78 -1.50
C ALA C 184 3.90 -27.18 -0.33
N ASP C 185 3.31 -26.20 0.35
CA ASP C 185 2.41 -26.48 1.46
C ASP C 185 1.21 -27.30 0.98
N TYR C 186 0.69 -26.98 -0.20
CA TYR C 186 -0.39 -27.77 -0.76
C TYR C 186 0.04 -29.22 -0.96
N GLU C 187 1.21 -29.43 -1.56
CA GLU C 187 1.62 -30.78 -1.96
C GLU C 187 2.17 -31.61 -0.81
N LYS C 188 2.34 -31.03 0.39
CA LYS C 188 2.73 -31.85 1.54
C LYS C 188 1.53 -32.35 2.36
N HIS C 189 0.32 -32.32 1.79
CA HIS C 189 -0.87 -32.82 2.47
C HIS C 189 -1.79 -33.51 1.47
N LYS C 190 -2.67 -34.38 1.99
CA LYS C 190 -3.53 -35.22 1.16
C LYS C 190 -5.00 -34.82 1.20
N VAL C 191 -5.61 -34.77 2.38
CA VAL C 191 -7.07 -34.62 2.51
C VAL C 191 -7.39 -33.14 2.72
N TYR C 192 -8.22 -32.59 1.84
CA TYR C 192 -8.69 -31.21 1.96
C TYR C 192 -10.21 -31.21 2.11
N ALA C 193 -10.71 -30.56 3.16
CA ALA C 193 -12.11 -30.66 3.51
C ALA C 193 -12.68 -29.31 3.97
N CYS C 194 -13.95 -29.10 3.65
CA CYS C 194 -14.73 -27.92 4.02
CA CYS C 194 -14.70 -27.93 4.05
C CYS C 194 -15.90 -28.37 4.88
N GLU C 195 -16.10 -27.70 6.02
CA GLU C 195 -17.15 -28.08 6.96
C GLU C 195 -18.07 -26.90 7.21
N VAL C 196 -19.38 -27.12 7.08
CA VAL C 196 -20.39 -26.07 7.07
C VAL C 196 -21.44 -26.32 8.14
N THR C 197 -21.79 -25.26 8.87
CA THR C 197 -22.93 -25.27 9.78
C THR C 197 -23.89 -24.15 9.42
N HIS C 198 -25.19 -24.47 9.49
CA HIS C 198 -26.28 -23.56 9.15
C HIS C 198 -27.51 -24.04 9.91
N GLN C 199 -28.37 -23.08 10.29
CA GLN C 199 -29.54 -23.41 11.10
C GLN C 199 -30.45 -24.43 10.43
N GLY C 200 -30.45 -24.46 9.10
CA GLY C 200 -31.24 -25.44 8.37
C GLY C 200 -30.66 -26.84 8.34
N LEU C 201 -29.49 -27.03 8.93
CA LEU C 201 -28.82 -28.33 8.96
C LEU C 201 -28.82 -28.87 10.38
N SER C 202 -29.24 -30.12 10.55
CA SER C 202 -29.24 -30.74 11.87
C SER C 202 -27.82 -31.05 12.34
N SER C 203 -26.89 -31.26 11.41
CA SER C 203 -25.52 -31.59 11.75
C SER C 203 -24.60 -30.99 10.69
N PRO C 204 -23.33 -30.77 11.01
CA PRO C 204 -22.40 -30.17 10.04
C PRO C 204 -22.25 -31.01 8.78
N VAL C 205 -22.07 -30.32 7.65
CA VAL C 205 -21.89 -30.97 6.36
C VAL C 205 -20.44 -30.81 5.93
N THR C 206 -19.79 -31.92 5.58
CA THR C 206 -18.39 -31.90 5.15
C THR C 206 -18.28 -32.37 3.71
N LYS C 207 -17.55 -31.61 2.90
CA LYS C 207 -17.17 -32.02 1.55
C LYS C 207 -15.66 -32.01 1.42
N SER C 208 -15.09 -33.07 0.85
CA SER C 208 -13.65 -33.22 0.85
C SER C 208 -13.16 -33.85 -0.44
N PHE C 209 -11.84 -33.77 -0.66
CA PHE C 209 -11.18 -34.51 -1.71
C PHE C 209 -9.77 -34.89 -1.27
N ASN C 210 -9.20 -35.87 -1.96
CA ASN C 210 -7.81 -36.28 -1.77
C ASN C 210 -6.96 -35.68 -2.89
N ARG C 211 -5.82 -35.09 -2.52
CA ARG C 211 -4.93 -34.52 -3.52
C ARG C 211 -4.42 -35.63 -4.44
N GLY C 212 -4.52 -35.40 -5.74
CA GLY C 212 -4.22 -36.40 -6.72
C GLY C 212 -5.44 -37.11 -7.26
N GLU C 213 -6.64 -36.62 -6.92
CA GLU C 213 -7.96 -37.13 -7.33
C GLU C 213 -7.96 -38.43 -8.13
N GLU D 1 -25.97 20.50 -5.14
CA GLU D 1 -26.00 19.43 -4.14
C GLU D 1 -24.74 19.43 -3.30
N VAL D 2 -24.91 19.38 -1.98
CA VAL D 2 -23.78 19.32 -1.05
C VAL D 2 -23.09 17.96 -1.19
N GLN D 3 -21.76 17.99 -1.36
CA GLN D 3 -21.01 16.77 -1.63
C GLN D 3 -19.77 16.70 -0.77
N LEU D 4 -19.42 15.47 -0.38
CA LEU D 4 -18.16 15.16 0.29
C LEU D 4 -17.48 14.01 -0.43
N VAL D 5 -16.15 14.01 -0.44
CA VAL D 5 -15.38 12.97 -1.11
C VAL D 5 -14.14 12.65 -0.29
N GLU D 6 -13.96 11.37 0.07
CA GLU D 6 -12.79 10.92 0.80
C GLU D 6 -11.68 10.51 -0.17
N SER D 7 -10.45 10.59 0.30
CA SER D 7 -9.29 10.13 -0.45
C SER D 7 -8.23 9.60 0.52
N GLY D 8 -7.37 8.72 0.01
CA GLY D 8 -6.24 8.22 0.76
C GLY D 8 -6.35 6.79 1.22
N GLY D 9 -7.46 6.11 0.94
CA GLY D 9 -7.61 4.73 1.35
C GLY D 9 -6.67 3.80 0.60
N GLY D 10 -6.51 2.60 1.14
CA GLY D 10 -5.72 1.58 0.47
C GLY D 10 -5.31 0.49 1.43
N LEU D 11 -4.23 -0.20 1.07
CA LEU D 11 -3.74 -1.36 1.79
C LEU D 11 -2.53 -0.97 2.64
N VAL D 12 -2.57 -1.36 3.91
CA VAL D 12 -1.47 -1.12 4.84
C VAL D 12 -1.30 -2.38 5.69
N LYS D 13 -0.08 -2.58 6.18
CA LYS D 13 0.19 -3.72 7.06
C LYS D 13 0.01 -3.30 8.51
N ALA D 14 -0.40 -4.26 9.34
CA ALA D 14 -0.62 -4.00 10.75
C ALA D 14 0.59 -3.33 11.38
N GLY D 15 0.33 -2.30 12.19
CA GLY D 15 1.38 -1.49 12.77
C GLY D 15 1.79 -0.29 11.95
N GLY D 16 1.40 -0.23 10.67
CA GLY D 16 1.74 0.88 9.81
C GLY D 16 0.85 2.09 10.01
N SER D 17 1.06 3.09 9.15
CA SER D 17 0.35 4.36 9.23
C SER D 17 -0.33 4.65 7.89
N LEU D 18 -1.44 5.38 7.95
CA LEU D 18 -2.17 5.80 6.76
C LEU D 18 -2.94 7.07 7.09
N ILE D 19 -3.02 7.99 6.14
CA ILE D 19 -3.70 9.26 6.33
C ILE D 19 -4.80 9.40 5.29
N LEU D 20 -6.00 9.73 5.74
CA LEU D 20 -7.13 10.00 4.87
C LEU D 20 -7.43 11.51 4.89
N SER D 21 -8.00 11.99 3.78
CA SER D 21 -8.48 13.35 3.69
C SER D 21 -9.89 13.34 3.10
N CYS D 22 -10.57 14.47 3.29
CA CYS D 22 -11.94 14.65 2.79
C CYS D 22 -12.04 16.06 2.25
N GLY D 23 -12.47 16.18 0.98
CA GLY D 23 -12.79 17.45 0.38
C GLY D 23 -14.30 17.58 0.19
N VAL D 24 -14.74 18.80 -0.10
CA VAL D 24 -16.16 19.11 -0.13
C VAL D 24 -16.50 19.90 -1.38
N SER D 25 -17.80 19.92 -1.69
CA SER D 25 -18.34 20.68 -2.81
C SER D 25 -19.66 21.31 -2.38
N ASN D 26 -19.80 22.61 -2.65
CA ASN D 26 -21.03 23.39 -2.51
C ASN D 26 -21.38 23.76 -1.07
N PHE D 27 -20.41 23.74 -0.16
CA PHE D 27 -20.59 24.34 1.16
C PHE D 27 -19.22 24.56 1.78
N ARG D 28 -19.18 25.41 2.81
CA ARG D 28 -17.97 25.66 3.58
C ARG D 28 -18.05 24.89 4.88
N ILE D 29 -16.94 24.23 5.26
CA ILE D 29 -16.93 23.39 6.45
C ILE D 29 -16.83 24.17 7.75
N SER D 30 -16.49 25.46 7.69
CA SER D 30 -16.10 26.19 8.89
C SER D 30 -17.19 26.24 9.94
N ALA D 31 -18.45 26.25 9.52
CA ALA D 31 -19.58 26.33 10.45
C ALA D 31 -20.06 24.96 10.93
N HIS D 32 -19.35 23.88 10.58
CA HIS D 32 -19.81 22.53 10.89
C HIS D 32 -18.78 21.76 11.70
N THR D 33 -19.27 21.02 12.70
CA THR D 33 -18.50 19.93 13.26
C THR D 33 -18.37 18.84 12.22
N MET D 34 -17.16 18.34 12.00
CA MET D 34 -16.89 17.29 11.04
C MET D 34 -16.52 16.01 11.75
N ASN D 35 -16.84 14.87 11.13
CA ASN D 35 -16.72 13.57 11.79
C ASN D 35 -16.18 12.55 10.81
N TRP D 36 -15.56 11.51 11.36
CA TRP D 36 -15.21 10.30 10.65
C TRP D 36 -15.99 9.14 11.24
N VAL D 37 -16.55 8.30 10.38
CA VAL D 37 -17.31 7.13 10.79
C VAL D 37 -16.84 5.98 9.94
N ARG D 38 -16.87 4.77 10.49
CA ARG D 38 -16.47 3.61 9.71
C ARG D 38 -17.52 2.54 9.77
N ARG D 39 -17.73 1.85 8.65
CA ARG D 39 -18.56 0.68 8.57
C ARG D 39 -17.65 -0.55 8.62
N VAL D 40 -17.80 -1.34 9.67
CA VAL D 40 -17.02 -2.54 9.94
C VAL D 40 -17.65 -3.73 9.24
N PRO D 41 -16.93 -4.84 9.07
CA PRO D 41 -17.59 -6.08 8.62
C PRO D 41 -18.65 -6.52 9.63
N GLY D 42 -19.80 -6.94 9.11
CA GLY D 42 -20.99 -7.15 9.90
C GLY D 42 -22.05 -6.09 9.71
N GLY D 43 -21.69 -4.95 9.12
CA GLY D 43 -22.65 -3.96 8.69
C GLY D 43 -22.87 -2.79 9.62
N GLY D 44 -22.35 -2.86 10.85
CA GLY D 44 -22.57 -1.79 11.80
C GLY D 44 -21.71 -0.57 11.53
N LEU D 45 -22.26 0.59 11.89
CA LEU D 45 -21.52 1.85 11.82
C LEU D 45 -20.86 2.13 13.16
N GLU D 46 -19.73 2.85 13.11
CA GLU D 46 -18.89 3.09 14.27
C GLU D 46 -18.33 4.49 14.18
N TRP D 47 -18.70 5.35 15.14
CA TRP D 47 -18.15 6.70 15.17
C TRP D 47 -16.68 6.66 15.57
N VAL D 48 -15.83 7.39 14.85
CA VAL D 48 -14.39 7.34 15.03
C VAL D 48 -13.86 8.62 15.67
N ALA D 49 -14.15 9.77 15.09
CA ALA D 49 -13.58 11.02 15.59
C ALA D 49 -14.42 12.19 15.14
N SER D 50 -14.30 13.30 15.88
CA SER D 50 -14.97 14.56 15.56
C SER D 50 -14.03 15.71 15.90
N ILE D 51 -14.18 16.80 15.15
CA ILE D 51 -13.45 18.04 15.43
C ILE D 51 -14.44 19.20 15.33
N SER D 52 -14.56 19.96 16.42
CA SER D 52 -15.55 21.03 16.48
C SER D 52 -15.09 22.22 15.65
N THR D 53 -15.96 23.22 15.55
CA THR D 53 -15.59 24.45 14.87
C THR D 53 -14.43 25.12 15.60
N SER D 54 -13.63 25.86 14.83
CA SER D 54 -12.43 26.53 15.32
C SER D 54 -11.51 25.56 16.06
N SER D 55 -11.74 24.25 15.89
CA SER D 55 -10.97 23.21 16.54
C SER D 55 -10.94 23.39 18.05
N THR D 56 -12.06 23.83 18.64
CA THR D 56 -12.06 23.99 20.09
C THR D 56 -11.89 22.65 20.81
N TYR D 57 -12.35 21.55 20.22
CA TYR D 57 -12.22 20.24 20.84
C TYR D 57 -12.06 19.17 19.77
N ARG D 58 -11.28 18.15 20.06
CA ARG D 58 -11.10 16.99 19.18
C ARG D 58 -11.42 15.74 19.98
N ASP D 59 -12.39 14.96 19.51
CA ASP D 59 -12.93 13.83 20.25
C ASP D 59 -12.71 12.54 19.48
N TYR D 60 -12.37 11.47 20.20
CA TYR D 60 -12.01 10.20 19.59
C TYR D 60 -12.73 9.06 20.31
N ALA D 61 -13.10 8.02 19.56
CA ALA D 61 -13.58 6.80 20.16
C ALA D 61 -12.47 6.14 20.99
N ASP D 62 -12.88 5.35 21.98
CA ASP D 62 -11.91 4.72 22.88
C ASP D 62 -10.94 3.83 22.13
N ALA D 63 -11.43 3.05 21.17
CA ALA D 63 -10.59 2.10 20.45
C ALA D 63 -9.50 2.77 19.62
N VAL D 64 -9.59 4.07 19.37
CA VAL D 64 -8.60 4.77 18.54
C VAL D 64 -7.89 5.88 19.30
N LYS D 65 -8.28 6.19 20.53
CA LYS D 65 -7.66 7.29 21.26
C LYS D 65 -6.16 7.05 21.41
N GLY D 66 -5.37 8.08 21.10
CA GLY D 66 -3.92 7.98 21.16
C GLY D 66 -3.27 7.45 19.90
N ARG D 67 -4.03 6.84 19.00
CA ARG D 67 -3.51 6.36 17.73
C ARG D 67 -3.94 7.22 16.55
N PHE D 68 -5.11 7.83 16.61
CA PHE D 68 -5.66 8.62 15.52
C PHE D 68 -5.60 10.11 15.85
N THR D 69 -5.49 10.92 14.80
CA THR D 69 -5.53 12.37 14.93
C THR D 69 -6.45 12.93 13.86
N VAL D 70 -7.31 13.88 14.23
CA VAL D 70 -8.17 14.55 13.27
C VAL D 70 -7.75 16.02 13.17
N SER D 71 -7.75 16.54 11.95
CA SER D 71 -7.41 17.93 11.70
C SER D 71 -8.39 18.53 10.71
N ARG D 72 -8.52 19.85 10.73
CA ARG D 72 -9.35 20.54 9.75
C ARG D 72 -8.61 21.73 9.16
N ASP D 73 -8.95 22.03 7.91
CA ASP D 73 -8.39 23.13 7.13
C ASP D 73 -9.60 23.89 6.59
N ASP D 74 -10.02 24.92 7.35
CA ASP D 74 -11.22 25.66 7.00
C ASP D 74 -11.03 26.60 5.81
N LEU D 75 -9.78 26.97 5.50
CA LEU D 75 -9.54 27.92 4.43
C LEU D 75 -9.70 27.29 3.05
N GLU D 76 -9.30 26.02 2.90
CA GLU D 76 -9.50 25.31 1.65
C GLU D 76 -10.46 24.13 1.80
N ASP D 77 -11.08 23.97 2.98
CA ASP D 77 -12.17 23.02 3.21
C ASP D 77 -11.70 21.56 3.06
N PHE D 78 -10.82 21.15 3.96
CA PHE D 78 -10.36 19.78 4.01
C PHE D 78 -10.42 19.26 5.44
N VAL D 79 -10.70 17.97 5.59
CA VAL D 79 -10.59 17.31 6.89
C VAL D 79 -9.60 16.16 6.75
N TYR D 80 -8.80 15.92 7.79
CA TYR D 80 -7.79 14.87 7.76
C TYR D 80 -7.95 13.93 8.94
N LEU D 81 -7.64 12.66 8.69
CA LEU D 81 -7.56 11.64 9.73
C LEU D 81 -6.25 10.88 9.57
N GLN D 82 -5.35 11.06 10.55
CA GLN D 82 -4.12 10.29 10.64
C GLN D 82 -4.41 9.04 11.46
N MET D 83 -3.97 7.88 10.96
CA MET D 83 -4.12 6.62 11.66
C MET D 83 -2.74 5.99 11.80
N HIS D 84 -2.30 5.78 13.05
CA HIS D 84 -1.01 5.18 13.36
C HIS D 84 -1.19 3.89 14.15
N LYS D 85 -0.15 3.06 14.15
CA LYS D 85 -0.14 1.78 14.85
C LYS D 85 -1.43 1.00 14.56
N MET D 86 -1.74 0.87 13.28
CA MET D 86 -3.03 0.37 12.86
C MET D 86 -3.18 -1.12 13.13
N ARG D 87 -4.40 -1.52 13.46
CA ARG D 87 -4.74 -2.88 13.80
C ARG D 87 -5.71 -3.44 12.76
N VAL D 88 -5.83 -4.77 12.75
CA VAL D 88 -6.72 -5.43 11.80
C VAL D 88 -8.16 -4.96 11.99
N GLU D 89 -8.57 -4.72 13.23
CA GLU D 89 -9.93 -4.26 13.45
C GLU D 89 -10.15 -2.83 12.97
N ASP D 90 -9.11 -2.16 12.47
CA ASP D 90 -9.30 -0.89 11.77
C ASP D 90 -9.76 -1.07 10.33
N THR D 91 -9.76 -2.29 9.80
CA THR D 91 -10.26 -2.53 8.45
C THR D 91 -11.73 -2.18 8.36
N ALA D 92 -12.08 -1.30 7.42
CA ALA D 92 -13.45 -0.81 7.33
C ALA D 92 -13.58 0.14 6.15
N ILE D 93 -14.82 0.55 5.88
CA ILE D 93 -15.09 1.66 4.99
C ILE D 93 -15.18 2.94 5.82
N TYR D 94 -14.39 3.95 5.47
CA TYR D 94 -14.33 5.18 6.22
C TYR D 94 -15.06 6.28 5.45
N TYR D 95 -15.97 6.96 6.12
CA TYR D 95 -16.74 8.06 5.57
C TYR D 95 -16.46 9.31 6.39
N CYS D 96 -16.39 10.47 5.71
CA CYS D 96 -16.45 11.76 6.37
CA CYS D 96 -16.47 11.72 6.42
C CYS D 96 -17.90 12.23 6.39
N ALA D 97 -18.37 12.67 7.55
CA ALA D 97 -19.75 13.07 7.71
C ALA D 97 -19.81 14.45 8.33
N ARG D 98 -20.75 15.25 7.83
CA ARG D 98 -20.97 16.59 8.35
C ARG D 98 -22.06 16.53 9.39
N LYS D 99 -21.86 17.24 10.50
CA LYS D 99 -22.94 17.43 11.45
C LYS D 99 -23.65 18.70 11.02
N GLY D 100 -24.97 18.72 11.18
CA GLY D 100 -25.72 19.89 10.77
C GLY D 100 -25.34 21.12 11.56
N SER D 101 -25.74 22.26 11.04
CA SER D 101 -25.48 23.54 11.69
C SER D 101 -26.69 24.42 11.43
N ASP D 102 -27.33 24.85 12.50
CA ASP D 102 -28.53 25.67 12.41
C ASP D 102 -28.43 26.86 13.34
N ARG D 103 -28.94 27.99 12.87
CA ARG D 103 -29.27 29.10 13.74
C ARG D 103 -30.52 28.79 14.55
N LEU D 104 -31.12 27.63 14.31
CA LEU D 104 -32.38 27.19 14.89
C LEU D 104 -32.27 25.92 15.72
N SER D 105 -31.08 25.33 15.83
CA SER D 105 -30.90 24.12 16.62
C SER D 105 -29.44 24.02 17.03
N ASP D 106 -29.20 23.70 18.30
CA ASP D 106 -27.85 23.56 18.85
C ASP D 106 -27.29 22.16 18.72
N ASN D 107 -28.08 21.18 18.26
CA ASN D 107 -27.63 19.80 18.17
C ASN D 107 -28.32 19.19 16.96
N ASP D 108 -27.54 18.80 15.96
CA ASP D 108 -28.02 18.28 14.68
C ASP D 108 -27.44 16.91 14.38
N PRO D 109 -28.11 16.12 13.54
CA PRO D 109 -27.57 14.82 13.12
C PRO D 109 -26.59 14.99 11.96
N PHE D 110 -26.08 13.85 11.48
CA PHE D 110 -25.16 13.84 10.34
C PHE D 110 -26.00 13.86 9.07
N ASP D 111 -26.08 15.03 8.44
CA ASP D 111 -26.99 15.24 7.33
C ASP D 111 -26.34 15.08 5.96
N ALA D 112 -25.01 15.00 5.87
CA ALA D 112 -24.35 14.76 4.60
C ALA D 112 -23.13 13.87 4.80
N TRP D 113 -22.98 12.89 3.91
CA TRP D 113 -21.93 11.87 4.00
C TRP D 113 -21.20 11.76 2.66
N GLY D 114 -19.91 11.45 2.73
CA GLY D 114 -19.18 11.03 1.56
C GLY D 114 -19.46 9.59 1.22
N PRO D 115 -19.04 9.18 0.02
CA PRO D 115 -19.30 7.80 -0.44
C PRO D 115 -18.43 6.75 0.22
N GLY D 116 -17.36 7.16 0.90
CA GLY D 116 -16.54 6.21 1.63
C GLY D 116 -15.29 5.83 0.87
N THR D 117 -14.26 5.45 1.62
CA THR D 117 -13.02 4.91 1.07
C THR D 117 -12.62 3.69 1.87
N VAL D 118 -12.12 2.67 1.20
CA VAL D 118 -11.87 1.38 1.82
C VAL D 118 -10.47 1.38 2.43
N VAL D 119 -10.36 0.94 3.69
CA VAL D 119 -9.08 0.82 4.37
C VAL D 119 -8.95 -0.63 4.83
N THR D 120 -7.86 -1.27 4.41
CA THR D 120 -7.63 -2.69 4.69
C THR D 120 -6.28 -2.84 5.38
N VAL D 121 -6.29 -3.45 6.57
CA VAL D 121 -5.10 -3.68 7.36
C VAL D 121 -4.81 -5.18 7.31
N SER D 122 -3.74 -5.56 6.63
CA SER D 122 -3.38 -6.97 6.53
C SER D 122 -2.82 -7.47 7.87
N PRO D 123 -3.09 -8.73 8.22
CA PRO D 123 -2.72 -9.19 9.57
C PRO D 123 -1.22 -9.32 9.83
N ALA D 124 -0.42 -9.61 8.82
CA ALA D 124 1.01 -9.88 9.03
C ALA D 124 1.78 -8.57 9.14
N SER D 125 2.29 -8.28 10.34
CA SER D 125 3.17 -7.13 10.52
C SER D 125 4.62 -7.43 10.17
N THR D 126 5.02 -8.70 10.12
CA THR D 126 6.38 -9.09 9.78
C THR D 126 6.34 -10.30 8.86
N LYS D 127 7.43 -10.50 8.11
CA LYS D 127 7.55 -11.66 7.23
C LYS D 127 9.02 -12.04 7.10
N GLY D 128 9.32 -13.32 7.32
CA GLY D 128 10.66 -13.83 7.23
C GLY D 128 11.10 -14.06 5.80
N PRO D 129 12.41 -14.01 5.56
CA PRO D 129 12.92 -14.10 4.19
C PRO D 129 13.10 -15.54 3.71
N SER D 130 13.01 -15.70 2.39
CA SER D 130 13.43 -16.93 1.73
C SER D 130 14.88 -16.77 1.26
N VAL D 131 15.68 -17.81 1.51
CA VAL D 131 17.11 -17.77 1.21
C VAL D 131 17.42 -18.80 0.13
N PHE D 132 17.97 -18.33 -0.98
CA PHE D 132 18.36 -19.16 -2.12
C PHE D 132 19.85 -19.03 -2.39
N PRO D 133 20.48 -20.05 -2.97
CA PRO D 133 21.91 -19.98 -3.26
C PRO D 133 22.23 -19.36 -4.60
N LEU D 134 23.34 -18.62 -4.66
CA LEU D 134 23.96 -18.15 -5.88
C LEU D 134 25.22 -18.99 -6.04
N ALA D 135 25.14 -20.03 -6.89
CA ALA D 135 26.16 -21.07 -7.02
C ALA D 135 27.36 -20.55 -7.80
N PRO D 136 28.58 -20.94 -7.40
CA PRO D 136 29.79 -20.37 -8.02
C PRO D 136 30.08 -20.88 -9.42
N SER D 137 29.57 -22.04 -9.82
CA SER D 137 29.78 -22.56 -11.18
C SER D 137 31.26 -22.77 -11.46
N GLY D 144 40.96 -18.67 -11.03
CA GLY D 144 41.73 -18.14 -9.92
C GLY D 144 40.84 -17.70 -8.77
N THR D 145 39.85 -16.88 -9.08
CA THR D 145 38.89 -16.37 -8.11
C THR D 145 37.48 -16.65 -8.61
N ALA D 146 36.66 -17.26 -7.75
CA ALA D 146 35.27 -17.53 -8.06
C ALA D 146 34.39 -16.74 -7.11
N ALA D 147 33.14 -16.51 -7.51
CA ALA D 147 32.18 -15.77 -6.71
C ALA D 147 30.98 -16.65 -6.38
N LEU D 148 30.46 -16.51 -5.16
CA LEU D 148 29.26 -17.22 -4.75
C LEU D 148 28.50 -16.35 -3.77
N GLY D 149 27.29 -16.77 -3.41
CA GLY D 149 26.54 -15.95 -2.47
C GLY D 149 25.17 -16.48 -2.14
N CYS D 150 24.37 -15.60 -1.53
CA CYS D 150 23.02 -15.90 -1.07
C CYS D 150 22.07 -14.78 -1.48
N LEU D 151 20.90 -15.16 -1.99
CA LEU D 151 19.82 -14.25 -2.31
C LEU D 151 18.77 -14.33 -1.20
N VAL D 152 18.52 -13.21 -0.54
CA VAL D 152 17.59 -13.13 0.59
C VAL D 152 16.40 -12.31 0.12
N LYS D 153 15.28 -12.98 -0.14
CA LYS D 153 14.16 -12.39 -0.87
C LYS D 153 12.88 -12.40 -0.04
N ASP D 154 12.02 -11.39 -0.27
CA ASP D 154 10.65 -11.40 0.21
C ASP D 154 10.58 -11.37 1.74
N TYR D 155 11.03 -10.27 2.34
CA TYR D 155 10.94 -10.10 3.78
C TYR D 155 10.47 -8.69 4.10
N PHE D 156 9.94 -8.53 5.31
CA PHE D 156 9.41 -7.25 5.79
C PHE D 156 9.37 -7.28 7.30
N PRO D 157 9.78 -6.21 7.98
CA PRO D 157 10.42 -5.05 7.36
C PRO D 157 11.94 -5.15 7.39
N GLU D 158 12.63 -4.05 7.10
CA GLU D 158 14.07 -4.01 7.26
C GLU D 158 14.42 -4.01 8.75
N PRO D 159 15.64 -4.46 9.12
CA PRO D 159 16.71 -4.98 8.25
C PRO D 159 16.96 -6.48 8.37
N VAL D 160 17.80 -6.99 7.48
CA VAL D 160 18.32 -8.35 7.55
C VAL D 160 19.83 -8.29 7.73
N THR D 161 20.35 -9.15 8.60
CA THR D 161 21.79 -9.28 8.81
C THR D 161 22.29 -10.57 8.15
N VAL D 162 23.42 -10.48 7.46
CA VAL D 162 24.02 -11.64 6.81
C VAL D 162 25.47 -11.75 7.27
N SER D 163 25.87 -12.95 7.66
CA SER D 163 27.26 -13.28 7.91
C SER D 163 27.61 -14.53 7.12
N TRP D 164 28.90 -14.88 7.07
CA TRP D 164 29.35 -16.07 6.38
C TRP D 164 30.20 -16.91 7.31
N ASN D 165 29.91 -18.22 7.35
CA ASN D 165 30.61 -19.16 8.21
C ASN D 165 30.66 -18.67 9.66
N SER D 166 29.51 -18.22 10.14
CA SER D 166 29.33 -17.75 11.52
C SER D 166 30.30 -16.63 11.88
N GLY D 167 30.66 -15.80 10.89
CA GLY D 167 31.55 -14.69 11.12
C GLY D 167 33.02 -14.99 10.94
N ALA D 168 33.39 -16.23 10.62
CA ALA D 168 34.80 -16.56 10.39
C ALA D 168 35.29 -16.01 9.06
N LEU D 169 34.40 -15.90 8.08
CA LEU D 169 34.75 -15.41 6.74
C LEU D 169 34.21 -14.00 6.57
N THR D 170 35.12 -13.03 6.42
CA THR D 170 34.76 -11.64 6.21
C THR D 170 35.50 -10.98 5.07
N SER D 171 36.66 -11.49 4.65
CA SER D 171 37.40 -10.88 3.57
C SER D 171 36.69 -11.09 2.24
N GLY D 172 36.45 -10.01 1.52
CA GLY D 172 35.81 -10.09 0.22
C GLY D 172 34.31 -10.28 0.24
N VAL D 173 33.67 -10.01 1.37
CA VAL D 173 32.22 -10.13 1.49
C VAL D 173 31.58 -8.79 1.19
N HIS D 174 30.55 -8.80 0.33
CA HIS D 174 29.75 -7.61 0.06
C HIS D 174 28.29 -7.96 0.26
N THR D 175 27.62 -7.28 1.19
CA THR D 175 26.19 -7.43 1.40
C THR D 175 25.53 -6.14 0.93
N PHE D 176 24.69 -6.25 -0.09
CA PHE D 176 24.16 -5.10 -0.80
C PHE D 176 23.01 -4.44 -0.03
N PRO D 177 22.79 -3.15 -0.26
CA PRO D 177 21.60 -2.49 0.29
C PRO D 177 20.32 -3.16 -0.20
N ALA D 178 19.34 -3.26 0.67
CA ALA D 178 18.06 -3.85 0.31
C ALA D 178 17.37 -3.01 -0.76
N VAL D 179 16.61 -3.69 -1.62
CA VAL D 179 15.78 -3.04 -2.63
C VAL D 179 14.34 -3.38 -2.33
N LEU D 180 13.46 -2.42 -2.59
CA LEU D 180 12.02 -2.57 -2.37
C LEU D 180 11.38 -3.06 -3.67
N GLN D 181 10.77 -4.24 -3.63
CA GLN D 181 10.17 -4.81 -4.82
C GLN D 181 8.73 -4.31 -4.99
N SER D 182 8.22 -4.48 -6.21
CA SER D 182 6.87 -4.04 -6.54
C SER D 182 5.80 -4.71 -5.67
N SER D 183 6.13 -5.85 -5.06
CA SER D 183 5.20 -6.53 -4.17
C SER D 183 5.10 -5.87 -2.79
N GLY D 184 5.96 -4.90 -2.49
CA GLY D 184 6.01 -4.33 -1.16
C GLY D 184 6.94 -5.02 -0.20
N LEU D 185 7.71 -6.01 -0.65
CA LEU D 185 8.66 -6.74 0.17
C LEU D 185 10.08 -6.44 -0.28
N TYR D 186 11.02 -6.62 0.63
CA TYR D 186 12.42 -6.28 0.40
C TYR D 186 13.23 -7.49 -0.05
N SER D 187 14.34 -7.19 -0.74
CA SER D 187 15.23 -8.24 -1.22
C SER D 187 16.65 -7.70 -1.24
N LEU D 188 17.61 -8.59 -0.95
CA LEU D 188 19.02 -8.25 -1.06
C LEU D 188 19.82 -9.48 -1.45
N SER D 189 21.09 -9.25 -1.72
CA SER D 189 22.04 -10.32 -1.97
C SER D 189 23.30 -10.08 -1.16
N SER D 190 23.96 -11.18 -0.80
CA SER D 190 25.29 -11.12 -0.19
C SER D 190 26.21 -12.04 -0.98
N VAL D 191 27.37 -11.51 -1.37
CA VAL D 191 28.30 -12.28 -2.20
C VAL D 191 29.67 -12.30 -1.54
N VAL D 192 30.47 -13.29 -1.93
CA VAL D 192 31.85 -13.41 -1.49
C VAL D 192 32.67 -14.04 -2.61
N THR D 193 33.89 -13.55 -2.78
CA THR D 193 34.85 -14.10 -3.72
C THR D 193 35.89 -14.93 -2.97
N VAL D 194 36.20 -16.10 -3.52
CA VAL D 194 37.06 -17.07 -2.86
C VAL D 194 38.02 -17.68 -3.89
N PRO D 195 39.11 -18.27 -3.42
CA PRO D 195 39.97 -19.04 -4.34
C PRO D 195 39.21 -20.16 -5.01
N SER D 196 39.38 -20.27 -6.33
CA SER D 196 38.66 -21.28 -7.10
C SER D 196 39.03 -22.70 -6.68
N SER D 197 40.27 -22.91 -6.23
CA SER D 197 40.69 -24.24 -5.81
C SER D 197 40.03 -24.68 -4.51
N SER D 198 39.52 -23.74 -3.72
CA SER D 198 38.91 -24.06 -2.43
C SER D 198 37.46 -24.51 -2.55
N LEU D 199 36.89 -24.49 -3.75
CA LEU D 199 35.48 -24.85 -3.91
C LEU D 199 35.22 -26.31 -3.61
N GLY D 200 36.24 -27.16 -3.65
CA GLY D 200 36.07 -28.55 -3.28
C GLY D 200 36.28 -28.81 -1.80
N THR D 201 37.25 -28.14 -1.19
CA THR D 201 37.63 -28.42 0.19
C THR D 201 36.81 -27.63 1.20
N GLN D 202 36.58 -26.34 0.97
CA GLN D 202 35.93 -25.50 1.96
C GLN D 202 34.43 -25.44 1.73
N THR D 203 33.68 -25.54 2.82
CA THR D 203 32.23 -25.34 2.79
C THR D 203 31.91 -23.89 3.11
N TYR D 204 30.94 -23.35 2.39
CA TYR D 204 30.54 -21.95 2.54
C TYR D 204 29.07 -21.88 2.94
N ILE D 205 28.79 -21.25 4.07
CA ILE D 205 27.46 -21.16 4.64
C ILE D 205 27.15 -19.70 4.93
N CYS D 206 26.00 -19.22 4.47
CA CYS D 206 25.53 -17.89 4.80
C CYS D 206 24.49 -17.97 5.91
N ASN D 207 24.66 -17.12 6.93
CA ASN D 207 23.78 -17.07 8.09
C ASN D 207 22.97 -15.78 7.98
N VAL D 208 21.66 -15.93 7.78
CA VAL D 208 20.73 -14.83 7.61
C VAL D 208 19.90 -14.70 8.86
N ASN D 209 19.86 -13.49 9.42
CA ASN D 209 19.12 -13.18 10.63
C ASN D 209 18.11 -12.06 10.32
N HIS D 210 16.85 -12.31 10.62
CA HIS D 210 15.79 -11.31 10.49
C HIS D 210 15.17 -11.18 11.88
N LYS D 211 15.66 -10.19 12.63
CA LYS D 211 15.18 -9.98 14.00
C LYS D 211 13.70 -9.63 14.09
N PRO D 212 13.13 -8.76 13.23
CA PRO D 212 11.70 -8.41 13.41
C PRO D 212 10.76 -9.60 13.41
N SER D 213 11.11 -10.69 12.71
CA SER D 213 10.30 -11.89 12.70
C SER D 213 10.96 -13.04 13.44
N ASN D 214 12.07 -12.79 14.13
CA ASN D 214 12.83 -13.81 14.84
C ASN D 214 13.10 -15.03 13.95
N THR D 215 13.63 -14.77 12.77
CA THR D 215 13.93 -15.82 11.80
C THR D 215 15.45 -15.94 11.65
N LYS D 216 15.95 -17.17 11.67
CA LYS D 216 17.35 -17.44 11.40
C LYS D 216 17.46 -18.59 10.42
N VAL D 217 18.24 -18.39 9.36
CA VAL D 217 18.40 -19.38 8.30
C VAL D 217 19.89 -19.56 8.02
N ASP D 218 20.35 -20.81 7.98
CA ASP D 218 21.69 -21.14 7.53
C ASP D 218 21.58 -21.86 6.20
N LYS D 219 22.27 -21.35 5.18
CA LYS D 219 22.16 -21.90 3.84
C LYS D 219 23.55 -22.26 3.33
N LYS D 220 23.70 -23.51 2.89
CA LYS D 220 24.95 -24.01 2.35
C LYS D 220 24.99 -23.75 0.85
N VAL D 221 26.08 -23.15 0.38
CA VAL D 221 26.25 -22.78 -1.02
C VAL D 221 27.33 -23.66 -1.62
N GLU D 222 26.95 -24.54 -2.54
CA GLU D 222 27.86 -25.45 -3.20
C GLU D 222 27.77 -25.27 -4.72
N PRO D 223 28.79 -25.70 -5.46
CA PRO D 223 28.65 -25.74 -6.92
C PRO D 223 27.56 -26.73 -7.33
N LYS D 224 26.86 -26.37 -8.40
CA LYS D 224 25.75 -27.18 -8.91
C LYS D 224 26.19 -28.02 -10.10
N SER D 225 25.72 -29.27 -10.14
CA SER D 225 25.83 -30.11 -11.31
C SER D 225 24.96 -31.35 -11.16
#